data_6SK6
#
_entry.id   6SK6
#
_cell.length_a   1.00
_cell.length_b   1.00
_cell.length_c   1.00
_cell.angle_alpha   90.00
_cell.angle_beta   90.00
_cell.angle_gamma   90.00
#
_symmetry.space_group_name_H-M   'P 1'
#
loop_
_entity.id
_entity.type
_entity.pdbx_description
1 polymer 'Rhinovirus B5 VP4'
2 polymer 'Rhinovirus B5 VP2'
3 polymer 'Rhinovirus B5 VP1'
4 polymer 'Rhinovirus B5 VP3'
#
loop_
_entity_poly.entity_id
_entity_poly.type
_entity_poly.pdbx_seq_one_letter_code
_entity_poly.pdbx_strand_id
1 'polypeptide(L)' MGAQVSTQKSGSHENQNILTNGSNQTFTVINYYKDAASSSSAGQSFSMDPSKFTEPVKDIMLKGAPALN D
2 'polypeptide(L)'
;GYSDRVEQITLGNSTITTQEAANSIVAYGEWPSFLSDVDASDVNKTTKPDTSACRFYTLDSKMWTQGSKGWCWKLPDALK
DMGIFGQNMFFHSQGRTGYTIHVQCNATKFHSGCLLVVVIPEHQLASAEGGNVSVLYDKTHPGEKGIDLSEADSTGPMKD
PLYMMDGTLIGNSLIFPHQFINLRTNNTATIVVPYINSVPMDSMTRHNNLSLMVIPIVDITATSGTTPSIPVTITIAPMF
LELSGIRSKAVI
;
B
3 'polypeptide(L)'
;GLEDDLVEVIVDKAQQTLASIKSDSKHTQKVPSLTANETGATLPTTPSDSVETRTTLMHYTGSETTLENFLGRAACVHVV
EIVNKRPTDTEEHRMQLLFNNWKINLSSLVQLRRKLEMFTYVRFDSEYTIIATSSQPNEAKFSSNLTIQAMFIPPGAPNP
KKWDDYTWQSATNPSVFFNVGKSARFSVPYLGIASAYNCFYDGYSHDNSTTPYGINVLNHMGSMAFRVVNEHDNHTTHVK
VRVYHRAKHIRAWVPRAPRALEYLHIGRTNYKQSPQNPIKTRKTISTY
;
A
4 'polypeptide(L)'
;GLPTVLTPGSEQFLTTDDRQSPSAMPNYEPTPLIHIPGEVKNLLEIAQVDTLIPLNNTTNTTGLGMYRIPLVQNMQGEQV
FGFRLYLGDGVLKTTLLGELCQYFTHWAGSLRLSFMYTGPALSSAKLLIAYTPPGAQGPTKRKEAMLGTHVVWDIGLQST
VVLNIPWTSGVQYRYTDPDTYTSAGFVSCWYQTSLVLPPQTQQTVYMLGFISACPDFKLRLMKDTQSIHQE
;
C
#
# COMPACT_ATOMS: atom_id res chain seq x y z
N ILE A 30 -33.03 7.70 17.55
CA ILE A 30 -32.58 7.67 16.18
C ILE A 30 -32.08 6.29 15.79
N ASN A 31 -31.63 5.50 16.78
CA ASN A 31 -31.21 4.13 16.51
C ASN A 31 -32.38 3.20 16.71
N TYR A 32 -32.57 2.28 15.78
CA TYR A 32 -33.73 1.40 15.84
C TYR A 32 -33.37 -0.01 16.18
N TYR A 33 -32.09 -0.31 16.21
CA TYR A 33 -31.63 -1.67 16.44
C TYR A 33 -30.64 -1.66 17.58
N LYS A 34 -30.41 -2.81 18.19
CA LYS A 34 -29.48 -2.83 19.31
C LYS A 34 -28.08 -3.26 18.94
N ASP A 35 -27.91 -4.14 17.98
CA ASP A 35 -26.56 -4.50 17.60
C ASP A 35 -25.85 -3.28 17.06
N ALA A 36 -24.58 -3.12 17.41
CA ALA A 36 -23.79 -2.01 16.89
C ALA A 36 -23.69 -2.07 15.38
N ALA A 37 -23.64 -3.27 14.84
CA ALA A 37 -23.52 -3.47 13.41
C ALA A 37 -24.67 -2.86 12.63
N SER A 38 -25.81 -2.74 13.29
CA SER A 38 -26.99 -2.23 12.63
C SER A 38 -27.03 -0.74 12.56
N SER A 39 -26.12 -0.08 13.25
CA SER A 39 -26.10 1.35 13.26
C SER A 39 -25.66 1.87 11.92
N SER A 40 -25.91 3.14 11.69
CA SER A 40 -25.50 3.79 10.46
C SER A 40 -24.00 4.03 10.52
N SER A 41 -23.40 4.33 9.37
CA SER A 41 -21.93 4.53 9.35
C SER A 41 -21.52 5.90 9.86
N ALA A 42 -21.82 6.15 11.12
CA ALA A 42 -21.47 7.40 11.75
C ALA A 42 -19.95 7.55 11.73
N GLY A 43 -19.44 8.79 11.61
CA GLY A 43 -20.19 10.04 11.63
C GLY A 43 -19.37 11.00 12.43
N GLN A 44 -18.25 10.49 12.90
CA GLN A 44 -17.28 11.24 13.69
C GLN A 44 -16.01 11.43 12.91
N SER A 45 -15.70 12.67 12.58
CA SER A 45 -14.48 12.96 11.86
C SER A 45 -13.31 12.98 12.81
N PHE A 46 -12.12 12.86 12.27
CA PHE A 46 -10.91 12.93 13.07
C PHE A 46 -9.91 13.86 12.46
N SER A 47 -9.05 14.43 13.27
CA SER A 47 -7.97 15.23 12.75
C SER A 47 -7.01 14.32 12.04
N MET A 48 -6.21 14.89 11.17
CA MET A 48 -5.21 14.11 10.45
C MET A 48 -3.96 13.96 11.26
N ASP A 49 -3.27 12.85 11.05
CA ASP A 49 -1.98 12.61 11.67
C ASP A 49 -0.97 11.95 10.72
N PRO A 50 -0.52 12.68 9.69
CA PRO A 50 0.34 12.20 8.66
C PRO A 50 1.74 11.94 9.17
N SER A 51 2.05 12.38 10.39
CA SER A 51 3.39 12.22 10.90
C SER A 51 3.75 10.75 11.01
N LYS A 52 2.74 9.89 11.15
CA LYS A 52 3.02 8.45 11.22
C LYS A 52 3.66 7.94 9.96
N PHE A 53 3.40 8.60 8.85
CA PHE A 53 3.83 8.12 7.58
C PHE A 53 4.84 9.06 6.92
N THR A 54 4.86 10.31 7.35
CA THR A 54 5.73 11.31 6.75
C THR A 54 6.90 11.69 7.66
N GLU A 55 6.75 11.50 8.96
CA GLU A 55 7.82 11.84 9.85
C GLU A 55 8.03 10.80 10.95
N PRO A 56 8.28 9.53 10.59
CA PRO A 56 8.56 8.44 11.49
C PRO A 56 9.99 8.54 11.98
N VAL A 57 10.76 9.41 11.36
CA VAL A 57 12.16 9.53 11.66
C VAL A 57 12.39 10.05 13.04
N LYS A 58 13.21 9.35 13.77
CA LYS A 58 13.50 9.67 15.14
C LYS A 58 14.21 11.03 15.31
N ASP A 59 13.66 11.86 16.18
CA ASP A 59 14.23 13.14 16.59
C ASP A 59 14.56 14.17 15.49
N ILE A 60 13.67 14.39 14.51
CA ILE A 60 13.96 15.44 13.51
C ILE A 60 12.86 16.47 13.46
N MET A 61 13.15 17.58 12.80
CA MET A 61 12.17 18.64 12.58
C MET A 61 12.57 19.51 11.41
N LEU A 62 11.59 20.00 10.65
CA LEU A 62 11.90 20.92 9.57
C LEU A 62 12.20 22.30 10.09
N LYS A 63 13.39 22.46 10.60
CA LYS A 63 13.82 23.74 11.15
C LYS A 63 14.51 24.56 10.07
N GLY A 64 14.67 23.96 8.90
CA GLY A 64 15.46 24.56 7.84
C GLY A 64 16.91 24.17 8.04
N ALA A 65 17.16 23.39 9.10
CA ALA A 65 18.46 22.90 9.46
C ALA A 65 18.80 21.73 8.55
N PRO A 66 20.09 21.46 8.28
CA PRO A 66 20.54 20.34 7.50
C PRO A 66 19.94 19.06 8.02
N ALA A 67 19.38 18.27 7.12
CA ALA A 67 18.71 17.03 7.46
C ALA A 67 19.61 16.02 8.13
N LEU A 68 20.88 16.00 7.73
CA LEU A 68 21.79 14.98 8.21
C LEU A 68 22.78 15.46 9.27
N ASN A 69 22.64 16.69 9.74
CA ASN A 69 23.62 17.19 10.71
C ASN A 69 22.99 17.90 11.88
N GLY B 1 29.21 19.19 20.45
CA GLY B 1 27.81 18.91 20.14
C GLY B 1 27.68 17.58 19.45
N TYR B 2 26.50 17.32 18.89
CA TYR B 2 26.23 16.06 18.24
C TYR B 2 25.70 16.28 16.84
N SER B 3 25.90 15.33 15.96
CA SER B 3 25.35 15.40 14.61
C SER B 3 24.45 14.21 14.39
N ASP B 4 23.39 14.41 13.64
CA ASP B 4 22.46 13.31 13.38
C ASP B 4 23.11 12.13 12.67
N ARG B 5 24.13 12.41 11.89
CA ARG B 5 24.79 11.37 11.14
C ARG B 5 25.63 10.41 11.97
N VAL B 6 25.93 10.77 13.22
CA VAL B 6 26.74 9.91 14.07
C VAL B 6 25.88 9.30 15.16
N GLU B 7 25.88 7.98 15.27
CA GLU B 7 24.99 7.33 16.21
C GLU B 7 25.52 6.01 16.73
N GLN B 8 25.15 5.70 17.96
CA GLN B 8 25.50 4.42 18.56
C GLN B 8 24.27 3.71 19.03
N ILE B 9 24.17 2.46 18.66
CA ILE B 9 23.05 1.66 19.06
C ILE B 9 23.53 0.53 19.90
N THR B 10 23.07 0.49 21.13
CA THR B 10 23.48 -0.58 22.03
C THR B 10 22.31 -1.45 22.31
N LEU B 11 22.50 -2.73 22.15
CA LEU B 11 21.44 -3.65 22.35
C LEU B 11 21.97 -4.95 22.88
N GLY B 12 21.52 -5.34 24.04
CA GLY B 12 22.01 -6.55 24.64
C GLY B 12 23.51 -6.42 24.83
N ASN B 13 24.25 -7.41 24.38
CA ASN B 13 25.70 -7.40 24.50
C ASN B 13 26.39 -7.01 23.21
N SER B 14 25.66 -6.33 22.34
CA SER B 14 26.21 -5.94 21.05
C SER B 14 25.98 -4.48 20.76
N THR B 15 26.88 -3.88 19.98
CA THR B 15 26.70 -2.49 19.61
C THR B 15 26.94 -2.27 18.13
N ILE B 16 26.33 -1.21 17.64
CA ILE B 16 26.58 -0.73 16.30
C ILE B 16 26.95 0.72 16.35
N THR B 17 28.03 1.08 15.68
CA THR B 17 28.46 2.46 15.63
C THR B 17 28.48 2.95 14.21
N THR B 18 27.87 4.09 13.98
CA THR B 18 27.85 4.66 12.66
C THR B 18 28.35 6.08 12.67
N GLN B 19 28.96 6.51 11.57
CA GLN B 19 29.40 7.88 11.43
C GLN B 19 28.71 8.58 10.27
N GLU B 20 28.24 7.79 9.32
CA GLU B 20 27.56 8.32 8.16
C GLU B 20 26.21 7.67 8.03
N ALA B 21 25.26 8.14 8.81
CA ALA B 21 23.96 7.54 8.83
C ALA B 21 22.87 8.57 8.67
N ALA B 22 21.73 8.14 8.21
CA ALA B 22 20.58 9.00 8.19
C ALA B 22 19.83 8.78 9.49
N ASN B 23 19.09 9.78 9.92
CA ASN B 23 18.29 9.58 11.13
C ASN B 23 17.50 8.30 11.02
N SER B 24 17.52 7.50 12.07
CA SER B 24 16.81 6.23 12.04
C SER B 24 15.32 6.43 11.99
N ILE B 25 14.61 5.40 11.55
CA ILE B 25 13.16 5.42 11.44
C ILE B 25 12.48 4.56 12.41
N VAL B 26 11.46 5.08 13.07
CA VAL B 26 10.64 4.25 13.90
C VAL B 26 9.33 4.07 13.18
N ALA B 27 9.12 2.90 12.64
CA ALA B 27 8.03 2.66 11.73
C ALA B 27 6.73 3.06 12.35
N TYR B 28 5.95 3.78 11.58
CA TYR B 28 4.63 4.24 11.96
C TYR B 28 4.62 5.09 13.22
N GLY B 29 5.80 5.58 13.61
CA GLY B 29 5.90 6.47 14.74
C GLY B 29 5.84 5.77 16.08
N GLU B 30 5.88 4.43 16.08
CA GLU B 30 5.76 3.72 17.34
C GLU B 30 6.90 2.80 17.65
N TRP B 31 7.36 2.86 18.88
CA TRP B 31 8.36 1.95 19.35
C TRP B 31 7.80 0.60 19.65
N PRO B 32 8.57 -0.44 19.43
CA PRO B 32 8.36 -1.75 19.88
C PRO B 32 8.15 -1.73 21.38
N SER B 33 7.25 -2.57 21.86
CA SER B 33 6.99 -2.67 23.29
C SER B 33 6.35 -4.01 23.58
N PHE B 34 6.20 -4.34 24.86
CA PHE B 34 5.58 -5.60 25.26
C PHE B 34 4.06 -5.56 25.16
N LEU B 35 3.46 -6.75 24.98
CA LEU B 35 2.01 -6.90 24.89
C LEU B 35 1.35 -6.49 26.20
N SER B 36 0.31 -5.66 26.17
CA SER B 36 -0.31 -5.25 27.43
C SER B 36 -1.32 -6.27 27.91
N ASP B 37 -1.81 -6.06 29.11
CA ASP B 37 -2.77 -6.95 29.71
C ASP B 37 -4.17 -6.78 29.15
N VAL B 38 -4.36 -5.83 28.24
CA VAL B 38 -5.65 -5.65 27.62
C VAL B 38 -5.60 -6.03 26.17
N ASP B 39 -4.42 -6.42 25.69
CA ASP B 39 -4.27 -6.89 24.33
C ASP B 39 -4.26 -8.40 24.33
N ALA B 40 -3.64 -8.95 25.36
CA ALA B 40 -3.41 -10.38 25.45
C ALA B 40 -4.68 -11.18 25.53
N SER B 41 -4.65 -12.36 24.93
CA SER B 41 -5.73 -13.33 25.00
C SER B 41 -5.15 -14.65 25.47
N ASP B 42 -3.83 -14.67 25.55
CA ASP B 42 -3.06 -15.84 25.93
C ASP B 42 -2.88 -15.89 27.43
N VAL B 43 -3.45 -16.90 28.06
CA VAL B 43 -3.40 -17.02 29.51
C VAL B 43 -2.05 -17.52 30.03
N ASN B 44 -1.17 -17.94 29.14
CA ASN B 44 0.11 -18.46 29.56
C ASN B 44 1.07 -17.35 29.88
N LYS B 45 1.72 -17.44 31.03
CA LYS B 45 2.71 -16.45 31.36
C LYS B 45 3.76 -16.44 30.28
N THR B 46 4.07 -15.27 29.76
CA THR B 46 5.01 -15.19 28.68
C THR B 46 6.45 -15.18 29.13
N THR B 47 7.33 -15.46 28.19
CA THR B 47 8.76 -15.46 28.41
C THR B 47 9.39 -14.29 27.73
N LYS B 48 10.31 -13.65 28.42
CA LYS B 48 11.00 -12.48 27.91
C LYS B 48 12.51 -12.69 27.96
N PRO B 49 13.11 -13.35 26.93
CA PRO B 49 14.50 -13.75 26.85
C PRO B 49 15.46 -12.58 27.00
N ASP B 50 14.96 -11.39 26.72
CA ASP B 50 15.73 -10.19 26.83
C ASP B 50 17.04 -10.34 26.10
N THR B 51 18.14 -9.95 26.76
CA THR B 51 19.49 -9.97 26.21
C THR B 51 19.88 -11.22 25.47
N SER B 52 19.42 -12.37 25.94
CA SER B 52 19.85 -13.61 25.34
C SER B 52 19.44 -13.72 23.88
N ALA B 53 18.39 -12.99 23.49
CA ALA B 53 17.89 -13.01 22.14
C ALA B 53 17.95 -11.65 21.49
N CYS B 54 17.69 -10.62 22.29
CA CYS B 54 17.59 -9.26 21.80
C CYS B 54 18.94 -8.62 21.67
N ARG B 55 19.65 -9.03 20.65
CA ARG B 55 20.97 -8.55 20.36
C ARG B 55 21.13 -8.55 18.86
N PHE B 56 22.17 -7.95 18.36
CA PHE B 56 22.31 -7.90 16.93
C PHE B 56 22.90 -9.15 16.35
N TYR B 57 22.28 -9.62 15.29
CA TYR B 57 22.80 -10.74 14.54
C TYR B 57 23.10 -10.27 13.15
N THR B 58 24.17 -10.77 12.58
CA THR B 58 24.51 -10.35 11.24
C THR B 58 24.31 -11.46 10.25
N LEU B 59 23.63 -11.12 9.18
CA LEU B 59 23.36 -12.05 8.12
C LEU B 59 24.51 -12.01 7.14
N ASP B 60 24.82 -13.15 6.55
CA ASP B 60 25.89 -13.22 5.57
C ASP B 60 25.73 -12.15 4.50
N SER B 61 26.79 -11.39 4.30
CA SER B 61 26.79 -10.27 3.39
C SER B 61 26.62 -10.70 1.94
N LYS B 62 26.01 -9.84 1.15
CA LYS B 62 25.85 -10.12 -0.27
C LYS B 62 26.53 -9.06 -1.09
N MET B 63 27.00 -9.41 -2.27
CA MET B 63 27.73 -8.43 -3.06
C MET B 63 26.85 -7.64 -3.97
N TRP B 64 27.07 -6.34 -3.98
CA TRP B 64 26.36 -5.45 -4.85
C TRP B 64 27.21 -5.07 -6.02
N THR B 65 26.83 -5.54 -7.19
CA THR B 65 27.58 -5.27 -8.39
C THR B 65 26.63 -4.76 -9.42
N GLN B 66 27.15 -4.24 -10.49
CA GLN B 66 26.28 -3.78 -11.54
C GLN B 66 25.45 -4.92 -12.03
N GLY B 67 24.16 -4.65 -12.27
CA GLY B 67 23.25 -5.69 -12.74
C GLY B 67 22.49 -6.39 -11.61
N SER B 68 22.91 -6.18 -10.35
CA SER B 68 22.23 -6.81 -9.22
C SER B 68 20.79 -6.34 -9.19
N LYS B 69 19.88 -7.23 -8.86
CA LYS B 69 18.47 -6.84 -8.83
C LYS B 69 17.98 -6.49 -7.44
N GLY B 70 18.74 -6.86 -6.43
CA GLY B 70 18.34 -6.63 -5.05
C GLY B 70 18.07 -7.92 -4.33
N TRP B 71 17.77 -7.81 -3.05
CA TRP B 71 17.60 -8.98 -2.22
C TRP B 71 16.43 -8.85 -1.28
N CYS B 72 15.92 -9.98 -0.80
CA CYS B 72 14.83 -9.96 0.17
C CYS B 72 14.97 -10.97 1.30
N TRP B 73 14.77 -10.51 2.52
CA TRP B 73 14.78 -11.39 3.67
C TRP B 73 13.46 -11.38 4.38
N LYS B 74 13.10 -12.49 4.95
CA LYS B 74 11.87 -12.56 5.70
C LYS B 74 12.14 -12.62 7.17
N LEU B 75 11.36 -11.90 7.96
CA LEU B 75 11.48 -11.99 9.40
C LEU B 75 10.22 -12.57 10.01
N PRO B 76 10.39 -13.40 11.03
CA PRO B 76 11.57 -13.81 11.73
C PRO B 76 12.43 -14.85 11.02
N ASP B 77 11.96 -15.41 9.91
CA ASP B 77 12.66 -16.54 9.28
C ASP B 77 14.17 -16.37 9.16
N ALA B 78 14.62 -15.18 8.80
CA ALA B 78 16.04 -14.92 8.55
C ALA B 78 16.89 -15.22 9.76
N LEU B 79 16.31 -15.12 10.93
CA LEU B 79 17.05 -15.30 12.15
C LEU B 79 16.82 -16.69 12.75
N LYS B 80 16.19 -17.60 12.01
CA LYS B 80 15.84 -18.91 12.57
C LYS B 80 17.01 -19.73 13.07
N ASP B 81 18.19 -19.46 12.57
CA ASP B 81 19.37 -20.22 12.97
C ASP B 81 20.26 -19.39 13.89
N MET B 82 19.79 -18.21 14.26
CA MET B 82 20.60 -17.31 15.04
C MET B 82 20.60 -17.56 16.52
N GLY B 83 21.34 -18.55 16.93
CA GLY B 83 21.53 -18.85 18.34
C GLY B 83 20.25 -19.03 19.09
N ILE B 84 20.14 -18.33 20.21
CA ILE B 84 18.98 -18.43 21.08
C ILE B 84 17.71 -17.95 20.45
N PHE B 85 17.76 -16.86 19.73
CA PHE B 85 16.55 -16.39 19.09
C PHE B 85 16.05 -17.50 18.22
N GLY B 86 16.94 -18.03 17.43
CA GLY B 86 16.60 -19.10 16.54
C GLY B 86 15.94 -20.23 17.27
N GLN B 87 16.58 -20.74 18.31
CA GLN B 87 16.01 -21.88 19.02
C GLN B 87 14.66 -21.56 19.64
N ASN B 88 14.50 -20.37 20.15
CA ASN B 88 13.25 -20.01 20.77
C ASN B 88 12.10 -20.04 19.81
N MET B 89 12.36 -19.83 18.53
CA MET B 89 11.31 -19.86 17.53
C MET B 89 10.69 -21.23 17.40
N PHE B 90 11.45 -22.26 17.73
CA PHE B 90 10.98 -23.61 17.52
C PHE B 90 10.46 -24.24 18.79
N PHE B 91 10.80 -23.65 19.92
CA PHE B 91 10.33 -24.19 21.18
C PHE B 91 9.09 -23.52 21.69
N HIS B 92 8.59 -22.53 20.96
CA HIS B 92 7.40 -21.84 21.41
C HIS B 92 6.31 -21.85 20.37
N SER B 93 5.08 -21.92 20.83
CA SER B 93 3.93 -21.94 19.95
C SER B 93 3.77 -20.64 19.25
N GLN B 94 4.02 -19.59 19.97
CA GLN B 94 3.80 -18.28 19.47
C GLN B 94 4.73 -17.28 20.06
N GLY B 95 4.87 -16.17 19.41
CA GLY B 95 5.74 -15.14 19.91
C GLY B 95 5.43 -13.81 19.31
N ARG B 96 6.11 -12.82 19.81
CA ARG B 96 5.88 -11.47 19.42
C ARG B 96 7.15 -10.68 19.51
N THR B 97 7.47 -9.91 18.48
CA THR B 97 8.66 -9.07 18.57
C THR B 97 8.71 -7.99 17.54
N GLY B 98 9.36 -6.90 17.89
CA GLY B 98 9.72 -5.88 16.93
C GLY B 98 11.15 -6.11 16.53
N TYR B 99 11.66 -5.29 15.61
CA TYR B 99 13.04 -5.43 15.16
C TYR B 99 13.78 -4.12 14.99
N THR B 100 15.08 -4.17 15.10
CA THR B 100 15.92 -3.10 14.60
C THR B 100 16.73 -3.64 13.47
N ILE B 101 16.63 -3.00 12.34
CA ILE B 101 17.29 -3.46 11.14
C ILE B 101 18.29 -2.46 10.63
N HIS B 102 19.51 -2.93 10.44
CA HIS B 102 20.58 -2.07 9.95
C HIS B 102 21.15 -2.60 8.64
N VAL B 103 21.12 -1.78 7.59
CA VAL B 103 21.69 -2.17 6.34
C VAL B 103 22.91 -1.35 6.12
N GLN B 104 24.03 -2.01 5.94
CA GLN B 104 25.30 -1.33 5.85
C GLN B 104 25.92 -1.51 4.48
N CYS B 105 26.46 -0.45 3.92
CA CYS B 105 27.07 -0.53 2.61
C CYS B 105 28.13 0.54 2.40
N ASN B 106 29.39 0.18 2.56
CA ASN B 106 30.49 1.14 2.53
C ASN B 106 30.89 1.51 1.13
N ALA B 107 31.33 2.74 0.94
CA ALA B 107 31.81 3.20 -0.34
C ALA B 107 32.67 4.43 -0.17
N THR B 108 33.36 4.84 -1.22
CA THR B 108 34.17 6.04 -1.16
C THR B 108 33.45 7.17 -1.84
N LYS B 109 34.08 8.32 -1.87
CA LYS B 109 33.48 9.48 -2.49
C LYS B 109 33.52 9.41 -4.01
N PHE B 110 34.16 8.36 -4.54
CA PHE B 110 34.25 8.13 -5.96
C PHE B 110 33.20 7.14 -6.39
N HIS B 111 32.34 6.76 -5.47
CA HIS B 111 31.28 5.84 -5.83
C HIS B 111 29.97 6.52 -5.83
N SER B 112 29.05 5.96 -6.54
CA SER B 112 27.70 6.44 -6.57
C SER B 112 26.77 5.28 -6.67
N GLY B 113 25.49 5.55 -6.56
CA GLY B 113 24.51 4.50 -6.56
C GLY B 113 23.64 4.63 -5.34
N CYS B 114 22.53 3.92 -5.34
CA CYS B 114 21.59 4.06 -4.25
C CYS B 114 20.72 2.85 -4.02
N LEU B 115 20.67 2.41 -2.77
CA LEU B 115 19.83 1.29 -2.37
C LEU B 115 18.57 1.81 -1.73
N LEU B 116 17.49 1.14 -1.98
CA LEU B 116 16.27 1.40 -1.27
C LEU B 116 15.98 0.29 -0.32
N VAL B 117 15.88 0.61 0.96
CA VAL B 117 15.62 -0.37 1.97
C VAL B 117 14.20 -0.21 2.45
N VAL B 118 13.38 -1.24 2.25
CA VAL B 118 11.98 -1.15 2.60
C VAL B 118 11.55 -2.29 3.47
N VAL B 119 10.80 -2.00 4.50
CA VAL B 119 10.25 -3.06 5.29
C VAL B 119 8.77 -3.19 5.01
N ILE B 120 8.38 -4.31 4.43
CA ILE B 120 7.01 -4.51 4.03
C ILE B 120 6.32 -5.56 4.86
N PRO B 121 5.29 -5.22 5.64
CA PRO B 121 4.54 -6.14 6.41
C PRO B 121 3.66 -6.99 5.53
N GLU B 122 3.51 -8.24 5.89
CA GLU B 122 2.65 -9.17 5.17
C GLU B 122 2.88 -9.13 3.66
N HIS B 123 4.12 -9.21 3.26
CA HIS B 123 4.47 -9.17 1.87
C HIS B 123 4.17 -10.47 1.16
N GLN B 124 2.90 -10.69 0.82
CA GLN B 124 2.52 -11.95 0.18
C GLN B 124 3.07 -12.01 -1.25
N LEU B 125 3.95 -12.98 -1.48
CA LEU B 125 4.69 -13.05 -2.74
C LEU B 125 3.95 -13.69 -3.88
N ALA B 126 4.21 -13.18 -5.08
CA ALA B 126 3.72 -13.76 -6.30
C ALA B 126 4.60 -14.90 -6.75
N SER B 127 4.02 -16.00 -7.20
CA SER B 127 4.81 -17.12 -7.71
C SER B 127 5.42 -16.82 -9.04
N ALA B 128 6.62 -17.33 -9.27
CA ALA B 128 7.29 -17.19 -10.55
C ALA B 128 6.48 -17.78 -11.68
N GLU B 129 5.64 -18.76 -11.36
CA GLU B 129 4.86 -19.43 -12.37
C GLU B 129 3.59 -18.67 -12.72
N GLY B 130 3.25 -17.68 -11.90
CA GLY B 130 2.01 -16.96 -12.08
C GLY B 130 0.82 -17.89 -11.95
N GLY B 131 -0.21 -17.64 -12.73
CA GLY B 131 -1.39 -18.48 -12.68
C GLY B 131 -1.93 -18.56 -11.28
N ASN B 132 -2.35 -19.74 -10.87
CA ASN B 132 -2.86 -19.97 -9.53
C ASN B 132 -1.87 -20.73 -8.68
N VAL B 133 -0.60 -20.62 -9.04
CA VAL B 133 0.43 -21.36 -8.34
C VAL B 133 0.88 -20.66 -7.08
N SER B 134 0.90 -21.40 -5.98
CA SER B 134 1.36 -20.86 -4.71
C SER B 134 2.87 -20.96 -4.62
N VAL B 135 3.45 -20.26 -3.66
CA VAL B 135 4.88 -20.38 -3.43
C VAL B 135 5.10 -21.38 -2.33
N LEU B 136 6.03 -22.30 -2.52
CA LEU B 136 6.26 -23.36 -1.54
C LEU B 136 6.95 -22.83 -0.30
N TYR B 137 6.77 -23.52 0.83
CA TYR B 137 7.37 -23.11 2.10
C TYR B 137 8.84 -22.86 1.93
N ASP B 138 9.47 -23.79 1.26
CA ASP B 138 10.90 -23.83 1.10
C ASP B 138 11.43 -22.55 0.45
N LYS B 139 10.60 -21.88 -0.34
CA LYS B 139 11.02 -20.73 -1.09
C LYS B 139 10.62 -19.41 -0.43
N THR B 140 9.91 -19.50 0.68
CA THR B 140 9.52 -18.33 1.44
C THR B 140 10.27 -18.31 2.74
N HIS B 141 10.95 -19.41 3.02
CA HIS B 141 11.74 -19.58 4.22
C HIS B 141 13.19 -20.03 3.93
N PRO B 142 14.00 -19.18 3.24
CA PRO B 142 15.39 -19.39 2.90
C PRO B 142 16.32 -19.12 4.08
N GLY B 143 15.77 -18.60 5.16
CA GLY B 143 16.55 -18.17 6.28
C GLY B 143 17.52 -17.07 5.90
N GLU B 144 18.73 -17.20 6.39
CA GLU B 144 19.79 -16.25 6.19
C GLU B 144 20.11 -16.00 4.73
N LYS B 145 19.91 -17.00 3.90
CA LYS B 145 20.26 -16.90 2.51
C LYS B 145 19.49 -15.78 1.84
N GLY B 146 18.27 -15.56 2.29
CA GLY B 146 17.42 -14.56 1.70
C GLY B 146 17.03 -14.97 0.30
N ILE B 147 16.37 -14.08 -0.38
CA ILE B 147 15.99 -14.27 -1.76
C ILE B 147 16.80 -13.35 -2.60
N ASP B 148 17.58 -13.89 -3.49
CA ASP B 148 18.37 -13.04 -4.37
C ASP B 148 17.57 -12.81 -5.62
N LEU B 149 17.21 -11.56 -5.87
CA LEU B 149 16.32 -11.28 -6.97
C LEU B 149 17.06 -11.41 -8.29
N SER B 150 18.37 -11.59 -8.21
CA SER B 150 19.20 -11.69 -9.39
C SER B 150 19.25 -13.13 -9.88
N GLU B 151 18.80 -14.07 -9.04
CA GLU B 151 18.91 -15.48 -9.34
C GLU B 151 17.59 -16.07 -9.83
N ALA B 152 17.63 -16.66 -11.02
CA ALA B 152 16.44 -17.28 -11.61
C ALA B 152 16.00 -18.49 -10.81
N ASP B 153 14.69 -18.69 -10.71
CA ASP B 153 14.12 -19.86 -10.06
C ASP B 153 12.70 -20.09 -10.53
N SER B 154 12.51 -21.08 -11.36
CA SER B 154 11.22 -21.33 -11.98
C SER B 154 10.13 -21.70 -10.98
N THR B 155 10.52 -22.08 -9.75
CA THR B 155 9.56 -22.46 -8.72
C THR B 155 9.52 -21.45 -7.59
N GLY B 156 10.31 -20.41 -7.71
CA GLY B 156 10.42 -19.41 -6.69
C GLY B 156 9.37 -18.35 -6.94
N PRO B 157 9.46 -17.21 -6.28
CA PRO B 157 8.63 -16.06 -6.46
C PRO B 157 9.04 -15.29 -7.70
N MET B 158 8.20 -14.39 -8.15
CA MET B 158 8.56 -13.47 -9.20
C MET B 158 9.78 -12.69 -8.75
N LYS B 159 10.71 -12.40 -9.64
CA LYS B 159 11.94 -11.74 -9.21
C LYS B 159 12.11 -10.29 -9.69
N ASP B 160 11.43 -9.91 -10.77
CA ASP B 160 11.66 -8.58 -11.36
C ASP B 160 11.31 -7.47 -10.37
N PRO B 161 12.31 -6.68 -9.90
CA PRO B 161 12.24 -5.71 -8.84
C PRO B 161 11.32 -4.55 -9.16
N LEU B 162 10.97 -4.37 -10.44
CA LEU B 162 10.06 -3.31 -10.80
C LEU B 162 8.79 -3.42 -10.02
N TYR B 163 8.39 -4.65 -9.77
CA TYR B 163 7.23 -4.91 -8.98
C TYR B 163 7.79 -5.60 -7.79
N MET B 164 7.38 -5.26 -6.60
CA MET B 164 8.08 -5.88 -5.49
C MET B 164 7.53 -7.24 -5.17
N MET B 165 7.78 -8.15 -6.09
CA MET B 165 7.34 -9.52 -6.06
C MET B 165 5.85 -9.67 -5.74
N ASP B 166 5.03 -8.68 -6.11
CA ASP B 166 3.60 -8.74 -5.80
C ASP B 166 2.69 -8.00 -6.76
N GLY B 167 3.22 -7.57 -7.89
CA GLY B 167 2.40 -6.87 -8.88
C GLY B 167 2.21 -5.39 -8.57
N THR B 168 2.89 -4.90 -7.55
CA THR B 168 2.79 -3.51 -7.16
C THR B 168 4.10 -2.78 -7.46
N LEU B 169 4.00 -1.65 -8.15
CA LEU B 169 5.21 -0.93 -8.55
C LEU B 169 6.05 -0.48 -7.41
N ILE B 170 7.33 -0.64 -7.57
CA ILE B 170 8.33 -0.23 -6.58
C ILE B 170 8.29 1.23 -6.26
N GLY B 171 7.87 2.04 -7.20
CA GLY B 171 7.87 3.46 -7.00
C GLY B 171 7.02 3.86 -5.82
N ASN B 172 5.97 3.09 -5.56
CA ASN B 172 5.04 3.43 -4.53
C ASN B 172 5.32 2.69 -3.25
N SER B 173 6.41 1.96 -3.21
CA SER B 173 6.73 1.18 -2.04
C SER B 173 7.24 2.03 -0.95
N LEU B 174 7.50 3.29 -1.26
CA LEU B 174 8.00 4.21 -0.29
C LEU B 174 6.93 4.57 0.72
N ILE B 175 5.70 4.11 0.48
CA ILE B 175 4.63 4.24 1.44
C ILE B 175 4.96 3.45 2.71
N PHE B 176 5.76 2.40 2.56
CA PHE B 176 6.17 1.55 3.65
C PHE B 176 7.34 2.19 4.34
N PRO B 177 7.63 1.88 5.60
CA PRO B 177 8.80 2.34 6.28
C PRO B 177 9.96 2.03 5.42
N HIS B 178 10.78 3.01 5.16
CA HIS B 178 11.88 2.81 4.27
C HIS B 178 12.93 3.81 4.48
N GLN B 179 14.09 3.51 3.98
CA GLN B 179 15.17 4.45 4.06
C GLN B 179 16.11 4.16 2.92
N PHE B 180 16.79 5.17 2.43
CA PHE B 180 17.69 4.93 1.32
C PHE B 180 19.11 4.94 1.78
N ILE B 181 19.94 4.21 1.08
CA ILE B 181 21.35 4.35 1.27
C ILE B 181 21.93 4.94 0.05
N ASN B 182 22.17 6.22 0.11
CA ASN B 182 22.69 6.95 -0.99
C ASN B 182 24.13 7.07 -0.79
N LEU B 183 24.92 6.39 -1.57
CA LEU B 183 26.34 6.32 -1.28
C LEU B 183 26.97 7.71 -1.23
N ARG B 184 26.30 8.69 -1.84
CA ARG B 184 26.76 10.06 -1.79
C ARG B 184 26.88 10.59 -0.37
N THR B 185 25.97 10.17 0.50
CA THR B 185 25.95 10.67 1.87
C THR B 185 26.01 9.57 2.92
N ASN B 186 24.87 9.01 3.28
CA ASN B 186 24.86 7.97 4.29
C ASN B 186 25.37 6.67 3.72
N ASN B 187 25.89 5.82 4.57
CA ASN B 187 26.34 4.51 4.11
C ASN B 187 25.63 3.43 4.88
N THR B 188 24.57 3.80 5.53
CA THR B 188 23.78 2.85 6.27
C THR B 188 22.36 3.32 6.51
N ALA B 189 21.46 2.38 6.59
CA ALA B 189 20.07 2.64 6.93
C ALA B 189 19.69 1.94 8.20
N THR B 190 18.86 2.59 9.01
CA THR B 190 18.39 1.98 10.25
C THR B 190 16.88 2.11 10.40
N ILE B 191 16.21 0.97 10.52
CA ILE B 191 14.76 1.00 10.68
C ILE B 191 14.32 0.18 11.89
N VAL B 192 13.50 0.79 12.74
CA VAL B 192 12.96 0.13 13.91
C VAL B 192 11.51 -0.17 13.67
N VAL B 193 11.12 -1.42 13.80
CA VAL B 193 9.77 -1.81 13.47
C VAL B 193 9.08 -2.50 14.65
N PRO B 194 7.91 -2.01 15.10
CA PRO B 194 7.11 -2.57 16.15
C PRO B 194 6.47 -3.82 15.66
N TYR B 195 6.04 -4.67 16.55
CA TYR B 195 5.30 -5.84 16.11
C TYR B 195 4.03 -5.42 15.42
N ILE B 196 3.81 -5.92 14.23
CA ILE B 196 2.60 -5.60 13.49
C ILE B 196 1.85 -6.84 13.11
N ASN B 197 0.62 -6.93 13.57
CA ASN B 197 -0.24 -8.06 13.28
C ASN B 197 -1.68 -7.75 13.67
N SER B 198 -2.59 -8.60 13.23
CA SER B 198 -3.97 -8.57 13.66
C SER B 198 -4.16 -9.44 14.90
N VAL B 199 -3.16 -10.24 15.19
CA VAL B 199 -3.18 -11.15 16.31
C VAL B 199 -2.07 -10.77 17.32
N PRO B 200 -2.37 -10.65 18.63
CA PRO B 200 -1.43 -10.29 19.69
C PRO B 200 -0.09 -10.99 19.59
N MET B 201 -0.12 -12.31 19.38
CA MET B 201 1.07 -13.12 19.25
C MET B 201 0.85 -14.10 18.13
N ASP B 202 1.89 -14.62 17.53
CA ASP B 202 1.63 -15.57 16.45
C ASP B 202 2.76 -16.54 16.26
N SER B 203 2.55 -17.51 15.41
CA SER B 203 3.56 -18.50 15.13
C SER B 203 4.79 -17.86 14.61
N MET B 204 5.92 -18.36 15.04
CA MET B 204 7.17 -17.85 14.58
C MET B 204 7.68 -18.61 13.36
N THR B 205 6.95 -19.66 12.94
CA THR B 205 7.48 -20.51 11.89
C THR B 205 6.58 -20.66 10.68
N ARG B 206 5.27 -20.59 10.85
CA ARG B 206 4.38 -20.78 9.70
C ARG B 206 4.10 -19.48 9.02
N HIS B 207 4.62 -18.41 9.58
CA HIS B 207 4.28 -17.08 9.12
C HIS B 207 5.36 -16.07 9.35
N ASN B 208 5.62 -15.25 8.33
CA ASN B 208 6.51 -14.13 8.49
C ASN B 208 5.73 -12.88 8.70
N ASN B 209 6.32 -11.92 9.37
CA ASN B 209 5.64 -10.67 9.59
C ASN B 209 6.19 -9.60 8.69
N LEU B 210 7.49 -9.54 8.57
CA LEU B 210 8.11 -8.49 7.81
C LEU B 210 8.89 -9.02 6.67
N SER B 211 8.95 -8.25 5.61
CA SER B 211 9.75 -8.59 4.49
C SER B 211 10.71 -7.46 4.21
N LEU B 212 11.97 -7.71 4.38
CA LEU B 212 12.98 -6.69 4.22
C LEU B 212 13.55 -6.74 2.85
N MET B 213 13.40 -5.67 2.11
CA MET B 213 13.92 -5.67 0.78
C MET B 213 14.90 -4.59 0.57
N VAL B 214 15.98 -4.92 -0.13
CA VAL B 214 16.99 -3.97 -0.44
C VAL B 214 17.21 -3.95 -1.93
N ILE B 215 16.85 -2.85 -2.57
CA ILE B 215 16.90 -2.78 -4.02
C ILE B 215 17.78 -1.64 -4.54
N PRO B 216 18.73 -1.91 -5.43
CA PRO B 216 19.60 -0.97 -6.02
C PRO B 216 18.90 -0.14 -7.03
N ILE B 217 18.27 0.91 -6.56
CA ILE B 217 17.48 1.75 -7.42
C ILE B 217 18.37 2.36 -8.46
N VAL B 218 19.56 2.76 -8.04
CA VAL B 218 20.57 3.25 -8.95
C VAL B 218 21.78 2.35 -8.85
N ASP B 219 22.18 1.76 -9.97
CA ASP B 219 23.27 0.80 -9.93
C ASP B 219 24.52 1.38 -9.38
N ILE B 220 25.25 0.56 -8.66
CA ILE B 220 26.54 0.89 -8.14
C ILE B 220 27.49 1.22 -9.25
N THR B 221 28.24 2.27 -9.09
CA THR B 221 29.24 2.60 -10.07
C THR B 221 30.35 3.44 -9.49
N ALA B 222 31.52 3.37 -10.08
CA ALA B 222 32.64 4.20 -9.68
C ALA B 222 32.94 5.22 -10.74
N THR B 223 33.65 6.28 -10.37
CA THR B 223 34.10 7.27 -11.35
C THR B 223 35.08 6.67 -12.34
N SER B 224 35.79 5.65 -11.93
CA SER B 224 36.76 5.01 -12.79
C SER B 224 37.05 3.59 -12.32
N GLY B 225 37.63 2.79 -13.20
CA GLY B 225 38.01 1.42 -12.85
C GLY B 225 36.95 0.42 -13.31
N THR B 226 37.11 -0.82 -12.87
CA THR B 226 36.24 -1.91 -13.28
C THR B 226 34.96 -1.89 -12.50
N THR B 227 34.01 -2.71 -12.89
CA THR B 227 32.78 -2.79 -12.16
C THR B 227 33.09 -2.98 -10.67
N PRO B 228 32.59 -2.11 -9.79
CA PRO B 228 32.79 -2.16 -8.38
C PRO B 228 32.00 -3.27 -7.79
N SER B 229 32.41 -3.72 -6.64
CA SER B 229 31.66 -4.72 -5.92
C SER B 229 31.70 -4.43 -4.45
N ILE B 230 30.57 -4.02 -3.91
CA ILE B 230 30.49 -3.63 -2.52
C ILE B 230 29.59 -4.55 -1.75
N PRO B 231 30.03 -5.13 -0.64
CA PRO B 231 29.24 -5.99 0.16
C PRO B 231 28.14 -5.20 0.81
N VAL B 232 27.02 -5.84 1.01
CA VAL B 232 25.93 -5.27 1.74
C VAL B 232 25.66 -6.15 2.93
N THR B 233 25.79 -5.59 4.09
CA THR B 233 25.68 -6.35 5.32
C THR B 233 24.44 -5.98 6.05
N ILE B 234 23.69 -6.97 6.48
CA ILE B 234 22.48 -6.69 7.22
C ILE B 234 22.52 -7.24 8.60
N THR B 235 22.26 -6.36 9.55
CA THR B 235 22.28 -6.71 10.94
C THR B 235 20.93 -6.46 11.56
N ILE B 236 20.37 -7.49 12.19
CA ILE B 236 19.02 -7.41 12.72
C ILE B 236 18.92 -7.88 14.12
N ALA B 237 18.17 -7.15 14.94
CA ALA B 237 17.92 -7.60 16.29
C ALA B 237 16.46 -7.54 16.66
N PRO B 238 15.94 -8.54 17.38
CA PRO B 238 14.68 -8.50 18.06
C PRO B 238 14.69 -7.39 19.10
N MET B 239 13.58 -6.67 19.23
CA MET B 239 13.50 -5.60 20.22
C MET B 239 12.91 -6.05 21.53
N PHE B 240 11.65 -6.39 21.49
CA PHE B 240 10.97 -6.85 22.68
C PHE B 240 10.41 -8.18 22.41
N LEU B 241 11.18 -9.17 22.71
CA LEU B 241 10.80 -10.50 22.37
C LEU B 241 10.01 -11.11 23.45
N GLU B 242 8.82 -11.53 23.11
CA GLU B 242 7.93 -12.12 24.05
C GLU B 242 7.42 -13.44 23.49
N LEU B 243 7.58 -14.50 24.26
CA LEU B 243 7.28 -15.84 23.77
C LEU B 243 6.27 -16.56 24.61
N SER B 244 5.58 -17.52 24.00
CA SER B 244 4.59 -18.32 24.73
C SER B 244 4.36 -19.71 24.20
N GLY B 245 3.96 -20.60 25.10
CA GLY B 245 3.51 -21.91 24.67
C GLY B 245 4.65 -22.85 24.41
N ILE B 246 5.41 -23.14 25.44
CA ILE B 246 6.56 -24.00 25.30
C ILE B 246 6.16 -25.42 24.91
N ARG B 247 6.84 -26.00 23.94
CA ARG B 247 6.53 -27.35 23.56
C ARG B 247 7.73 -27.97 22.88
N SER B 248 7.63 -29.25 22.54
CA SER B 248 8.73 -29.94 21.91
C SER B 248 9.17 -29.19 20.69
N LYS B 249 10.46 -29.12 20.47
CA LYS B 249 10.98 -28.36 19.35
C LYS B 249 10.28 -28.70 18.08
N ALA B 250 9.79 -27.70 17.40
CA ALA B 250 9.15 -27.91 16.14
C ALA B 250 10.12 -28.48 15.15
N VAL B 251 9.64 -29.39 14.34
CA VAL B 251 10.43 -29.97 13.27
C VAL B 251 9.76 -29.69 11.97
N ILE B 252 10.50 -29.16 11.02
CA ILE B 252 9.92 -28.77 9.76
C ILE B 252 10.74 -29.31 8.61
N GLN C 16 -12.37 27.97 10.41
CA GLN C 16 -11.63 27.44 9.27
C GLN C 16 -10.14 27.59 9.48
N THR C 17 -9.37 26.94 8.63
CA THR C 17 -7.92 27.03 8.73
C THR C 17 -7.32 27.53 7.45
N LEU C 18 -6.11 28.01 7.53
CA LEU C 18 -5.43 28.54 6.36
C LEU C 18 -4.77 27.48 5.53
N ALA C 19 -4.86 27.69 4.24
CA ALA C 19 -4.14 26.88 3.28
C ALA C 19 -2.76 27.44 3.11
N SER C 20 -2.68 28.76 3.22
CA SER C 20 -1.42 29.44 3.06
C SER C 20 -1.39 30.69 3.90
N ILE C 21 -0.21 31.03 4.37
CA ILE C 21 0.01 32.21 5.17
C ILE C 21 0.88 33.19 4.46
N LYS C 22 0.47 34.45 4.41
CA LYS C 22 1.24 35.45 3.72
C LYS C 22 2.68 35.36 4.07
N SER C 23 3.52 35.36 3.06
CA SER C 23 4.95 35.29 3.26
C SER C 23 5.65 36.10 2.21
N ASP C 24 6.60 36.90 2.67
CA ASP C 24 7.35 37.79 1.80
C ASP C 24 8.73 37.23 1.50
N SER C 25 9.42 37.82 0.53
CA SER C 25 10.78 37.45 0.17
C SER C 25 11.66 37.23 1.36
N LYS C 26 12.46 36.17 1.30
CA LYS C 26 13.36 35.82 2.37
C LYS C 26 14.79 35.79 1.90
N HIS C 27 15.68 36.10 2.79
CA HIS C 27 17.09 35.90 2.59
C HIS C 27 17.65 35.45 3.91
N THR C 28 17.91 34.17 4.01
CA THR C 28 18.21 33.58 5.30
C THR C 28 19.19 32.44 5.27
N GLN C 29 19.37 31.83 6.44
CA GLN C 29 20.22 30.68 6.65
C GLN C 29 19.38 29.44 6.74
N LYS C 30 18.09 29.63 7.05
CA LYS C 30 17.19 28.50 7.14
C LYS C 30 16.72 28.14 5.76
N VAL C 31 16.90 26.89 5.37
CA VAL C 31 16.51 26.50 4.04
C VAL C 31 15.62 25.29 3.99
N PRO C 32 14.30 25.45 4.14
CA PRO C 32 13.30 24.42 4.11
C PRO C 32 13.30 23.67 2.80
N SER C 33 13.84 24.29 1.76
CA SER C 33 13.85 23.69 0.45
C SER C 33 14.93 22.63 0.28
N LEU C 34 15.86 22.52 1.23
CA LEU C 34 16.87 21.49 1.15
C LEU C 34 16.72 20.49 2.27
N THR C 35 16.83 19.24 1.93
CA THR C 35 16.67 18.17 2.89
C THR C 35 17.41 16.92 2.45
N ALA C 36 17.04 15.80 3.03
CA ALA C 36 17.59 14.54 2.63
C ALA C 36 16.52 13.48 2.68
N ASN C 37 16.08 13.02 1.50
CA ASN C 37 15.04 12.01 1.45
C ASN C 37 15.58 10.68 1.89
N GLU C 38 16.89 10.59 2.03
CA GLU C 38 17.52 9.40 2.52
C GLU C 38 17.05 9.04 3.88
N THR C 39 16.58 10.02 4.63
CA THR C 39 16.12 9.78 5.98
C THR C 39 14.83 9.01 5.99
N GLY C 40 14.12 9.03 4.87
CA GLY C 40 12.83 8.40 4.81
C GLY C 40 11.73 9.36 5.21
N ALA C 41 12.12 10.56 5.65
CA ALA C 41 11.13 11.55 6.03
C ALA C 41 10.60 12.25 4.83
N THR C 42 9.38 12.68 4.93
CA THR C 42 8.73 13.49 3.96
C THR C 42 8.26 14.78 4.63
N LEU C 43 9.21 15.46 5.30
CA LEU C 43 8.89 16.62 6.12
C LEU C 43 8.01 17.57 5.34
N PRO C 44 6.93 18.08 5.95
CA PRO C 44 5.95 18.94 5.35
C PRO C 44 6.52 20.27 5.02
N THR C 45 6.21 20.73 3.85
CA THR C 45 6.60 22.05 3.39
C THR C 45 5.39 22.66 2.77
N THR C 46 5.42 23.96 2.62
CA THR C 46 4.33 24.67 2.03
C THR C 46 4.82 25.53 0.89
N PRO C 47 3.95 26.00 0.02
CA PRO C 47 4.27 26.96 -1.00
C PRO C 47 4.99 28.16 -0.43
N SER C 48 4.70 28.54 0.82
CA SER C 48 5.31 29.70 1.45
C SER C 48 6.80 29.50 1.68
N ASP C 49 7.27 28.26 1.54
CA ASP C 49 8.66 27.93 1.69
C ASP C 49 9.44 28.15 0.38
N SER C 50 8.74 28.10 -0.76
CA SER C 50 9.39 28.26 -2.05
C SER C 50 9.11 29.62 -2.67
N VAL C 51 7.90 30.13 -2.49
CA VAL C 51 7.49 31.36 -3.12
C VAL C 51 6.82 32.31 -2.16
N GLU C 52 6.71 33.58 -2.56
CA GLU C 52 5.89 34.51 -1.81
C GLU C 52 4.46 34.09 -1.97
N THR C 53 3.66 34.30 -0.95
CA THR C 53 2.27 33.88 -1.03
C THR C 53 1.32 34.81 -0.37
N ARG C 54 0.10 34.75 -0.84
CA ARG C 54 -1.05 35.41 -0.26
C ARG C 54 -1.63 34.51 0.81
N THR C 55 -2.26 35.12 1.83
CA THR C 55 -2.97 34.35 2.86
C THR C 55 -4.30 33.88 2.30
N THR C 56 -4.62 32.61 2.49
CA THR C 56 -5.89 32.09 2.02
C THR C 56 -6.37 30.87 2.80
N LEU C 57 -7.70 30.71 2.86
CA LEU C 57 -8.37 29.61 3.56
C LEU C 57 -8.48 28.33 2.76
N MET C 58 -8.49 27.22 3.49
CA MET C 58 -8.73 25.91 2.91
C MET C 58 -10.12 25.73 2.36
N HIS C 59 -11.12 26.15 3.14
CA HIS C 59 -12.52 25.89 2.80
C HIS C 59 -12.74 24.42 2.53
N TYR C 60 -12.13 23.58 3.35
CA TYR C 60 -12.17 22.14 3.13
C TYR C 60 -11.94 21.37 4.40
N THR C 61 -12.66 20.28 4.56
CA THR C 61 -12.54 19.46 5.76
C THR C 61 -11.85 18.13 5.52
N GLY C 62 -11.85 17.68 4.29
CA GLY C 62 -11.32 16.36 3.98
C GLY C 62 -12.34 15.25 4.18
N SER C 63 -13.59 15.60 4.43
CA SER C 63 -14.62 14.59 4.69
C SER C 63 -14.68 13.54 3.56
N GLU C 64 -14.57 13.99 2.32
CA GLU C 64 -14.65 13.09 1.18
C GLU C 64 -13.56 12.03 1.18
N THR C 65 -12.42 12.35 1.79
CA THR C 65 -11.26 11.50 1.74
C THR C 65 -11.15 10.62 2.97
N THR C 66 -12.12 10.66 3.85
CA THR C 66 -12.05 9.83 5.02
C THR C 66 -12.06 8.41 4.60
N LEU C 67 -11.37 7.58 5.34
CA LEU C 67 -11.38 6.18 5.07
C LEU C 67 -12.79 5.66 5.04
N GLU C 68 -13.61 6.15 5.95
CA GLU C 68 -14.98 5.71 6.05
C GLU C 68 -15.74 5.95 4.76
N ASN C 69 -15.59 7.13 4.17
CA ASN C 69 -16.30 7.40 2.93
C ASN C 69 -15.72 6.62 1.76
N PHE C 70 -14.43 6.39 1.78
CA PHE C 70 -13.76 5.71 0.68
C PHE C 70 -14.22 4.27 0.56
N LEU C 71 -14.19 3.54 1.66
CA LEU C 71 -14.57 2.13 1.64
C LEU C 71 -16.05 1.92 2.02
N GLY C 72 -16.74 3.02 2.27
CA GLY C 72 -18.13 2.99 2.72
C GLY C 72 -19.16 3.04 1.60
N ARG C 73 -18.73 2.95 0.35
CA ARG C 73 -19.70 2.92 -0.76
C ARG C 73 -19.94 1.48 -1.16
N ALA C 74 -21.19 1.14 -1.46
CA ALA C 74 -21.50 -0.24 -1.81
C ALA C 74 -20.85 -0.62 -3.10
N ALA C 75 -20.43 -1.86 -3.19
CA ALA C 75 -19.85 -2.36 -4.42
C ALA C 75 -20.30 -3.76 -4.67
N CYS C 76 -20.46 -4.11 -5.93
CA CYS C 76 -20.85 -5.46 -6.24
C CYS C 76 -19.74 -6.38 -5.87
N VAL C 77 -20.07 -7.43 -5.16
CA VAL C 77 -19.10 -8.41 -4.74
C VAL C 77 -19.15 -9.65 -5.56
N HIS C 78 -20.35 -10.14 -5.78
CA HIS C 78 -20.48 -11.41 -6.45
C HIS C 78 -21.81 -11.61 -7.11
N VAL C 79 -21.80 -12.34 -8.21
CA VAL C 79 -23.02 -12.65 -8.91
C VAL C 79 -23.18 -14.16 -9.06
N VAL C 80 -24.35 -14.68 -8.70
CA VAL C 80 -24.63 -16.11 -8.85
C VAL C 80 -25.82 -16.32 -9.71
N GLU C 81 -25.98 -17.52 -10.21
CA GLU C 81 -27.15 -17.86 -10.96
C GLU C 81 -27.78 -19.14 -10.45
N ILE C 82 -29.08 -19.05 -10.24
CA ILE C 82 -29.89 -20.15 -9.80
C ILE C 82 -31.10 -20.24 -10.69
N VAL C 83 -31.68 -21.40 -10.83
CA VAL C 83 -32.82 -21.53 -11.70
C VAL C 83 -33.98 -22.23 -11.05
N ASN C 84 -35.15 -22.01 -11.58
CA ASN C 84 -36.31 -22.79 -11.27
C ASN C 84 -36.45 -23.82 -12.36
N LYS C 85 -36.19 -25.06 -12.03
CA LYS C 85 -36.14 -26.10 -13.04
C LYS C 85 -36.48 -27.44 -12.44
N ARG C 86 -37.09 -28.32 -13.22
CA ARG C 86 -37.41 -29.65 -12.72
C ARG C 86 -36.12 -30.44 -12.51
N PRO C 87 -35.87 -30.87 -11.27
CA PRO C 87 -34.69 -31.61 -10.94
C PRO C 87 -34.51 -32.74 -11.91
N THR C 88 -33.27 -33.00 -12.26
CA THR C 88 -32.91 -34.09 -13.13
C THR C 88 -32.19 -35.16 -12.32
N ASP C 89 -32.63 -36.41 -12.46
CA ASP C 89 -32.11 -37.52 -11.66
C ASP C 89 -30.61 -37.76 -11.83
N THR C 90 -30.07 -37.35 -12.96
CA THR C 90 -28.68 -37.62 -13.28
C THR C 90 -27.71 -36.54 -12.81
N GLU C 91 -28.20 -35.44 -12.24
CA GLU C 91 -27.30 -34.35 -11.85
C GLU C 91 -27.51 -33.83 -10.42
N GLU C 92 -26.43 -33.50 -9.75
CA GLU C 92 -26.52 -32.88 -8.44
C GLU C 92 -27.15 -31.55 -8.56
N HIS C 93 -27.82 -31.10 -7.51
CA HIS C 93 -28.52 -29.83 -7.54
C HIS C 93 -27.59 -28.61 -7.50
N ARG C 94 -26.30 -28.86 -7.68
CA ARG C 94 -25.31 -27.81 -7.87
C ARG C 94 -24.86 -27.79 -9.32
N MET C 95 -24.92 -28.97 -9.99
CA MET C 95 -24.53 -29.12 -11.38
C MET C 95 -25.56 -28.44 -12.20
N GLN C 96 -26.79 -28.68 -11.81
CA GLN C 96 -27.91 -27.99 -12.35
C GLN C 96 -28.19 -26.94 -11.34
N LEU C 97 -28.28 -25.71 -11.76
CA LEU C 97 -28.24 -24.62 -10.81
C LEU C 97 -29.50 -24.38 -10.03
N LEU C 98 -29.91 -25.35 -9.27
CA LEU C 98 -31.08 -25.18 -8.43
C LEU C 98 -30.64 -24.58 -7.13
N PHE C 99 -29.34 -24.55 -6.95
CA PHE C 99 -28.71 -24.16 -5.73
C PHE C 99 -27.21 -23.99 -5.86
N ASN C 100 -26.78 -22.90 -5.26
CA ASN C 100 -25.57 -22.26 -5.73
C ASN C 100 -24.93 -21.58 -4.54
N ASN C 101 -23.89 -22.23 -4.00
CA ASN C 101 -23.28 -21.80 -2.75
C ASN C 101 -22.01 -20.97 -2.96
N TRP C 102 -22.13 -19.66 -2.75
CA TRP C 102 -21.01 -18.75 -2.93
C TRP C 102 -20.05 -18.75 -1.76
N LYS C 103 -18.77 -19.00 -2.00
CA LYS C 103 -17.82 -18.90 -0.91
C LYS C 103 -17.44 -17.45 -0.74
N ILE C 104 -17.68 -16.91 0.42
CA ILE C 104 -17.53 -15.49 0.59
C ILE C 104 -16.11 -15.02 0.46
N ASN C 105 -15.92 -14.05 -0.43
CA ASN C 105 -14.62 -13.45 -0.65
C ASN C 105 -14.76 -12.17 -1.46
N LEU C 106 -14.41 -11.05 -0.86
CA LEU C 106 -14.61 -9.74 -1.47
C LEU C 106 -13.63 -9.48 -2.62
N SER C 107 -12.71 -10.40 -2.82
CA SER C 107 -11.68 -10.29 -3.83
C SER C 107 -12.16 -10.65 -5.23
N SER C 108 -13.36 -11.18 -5.34
CA SER C 108 -13.85 -11.66 -6.63
C SER C 108 -13.97 -10.58 -7.71
N LEU C 109 -14.46 -9.40 -7.34
CA LEU C 109 -14.69 -8.32 -8.31
C LEU C 109 -13.81 -7.09 -8.09
N VAL C 110 -12.76 -7.12 -8.87
CA VAL C 110 -11.49 -6.58 -8.39
C VAL C 110 -11.47 -5.09 -8.04
N GLN C 111 -12.49 -4.33 -8.41
CA GLN C 111 -12.48 -2.92 -8.05
C GLN C 111 -12.52 -2.78 -6.56
N LEU C 112 -13.32 -3.63 -5.93
CA LEU C 112 -13.42 -3.61 -4.49
C LEU C 112 -12.14 -4.11 -3.91
N ARG C 113 -11.59 -5.14 -4.52
CA ARG C 113 -10.39 -5.75 -4.05
C ARG C 113 -9.30 -4.73 -3.92
N ARG C 114 -9.09 -3.91 -4.95
CA ARG C 114 -8.04 -2.92 -4.84
C ARG C 114 -8.25 -1.95 -3.73
N LYS C 115 -9.47 -1.50 -3.55
CA LYS C 115 -9.71 -0.52 -2.53
C LYS C 115 -9.38 -1.09 -1.15
N LEU C 116 -9.63 -2.38 -0.97
CA LEU C 116 -9.32 -3.03 0.29
C LEU C 116 -7.83 -3.36 0.41
N GLU C 117 -7.20 -3.76 -0.70
CA GLU C 117 -5.79 -4.12 -0.69
C GLU C 117 -4.88 -2.96 -0.39
N MET C 118 -5.39 -1.75 -0.56
CA MET C 118 -4.64 -0.57 -0.20
C MET C 118 -4.27 -0.53 1.28
N PHE C 119 -4.85 -1.40 2.09
CA PHE C 119 -4.50 -1.48 3.49
C PHE C 119 -4.10 -2.89 3.84
N THR C 120 -3.22 -3.06 4.82
CA THR C 120 -2.81 -4.40 5.17
C THR C 120 -3.84 -5.05 6.04
N TYR C 121 -4.34 -4.30 7.01
CA TYR C 121 -5.32 -4.84 7.93
C TYR C 121 -6.54 -3.97 7.90
N VAL C 122 -7.68 -4.58 7.76
CA VAL C 122 -8.91 -3.81 7.68
C VAL C 122 -9.99 -4.36 8.59
N ARG C 123 -10.64 -3.50 9.33
CA ARG C 123 -11.72 -3.90 10.21
C ARG C 123 -12.97 -3.13 9.92
N PHE C 124 -14.06 -3.83 9.81
CA PHE C 124 -15.33 -3.19 9.57
C PHE C 124 -16.48 -4.10 9.80
N ASP C 125 -17.65 -3.52 9.96
CA ASP C 125 -18.88 -4.26 9.92
C ASP C 125 -19.35 -4.25 8.49
N SER C 126 -20.02 -5.27 8.05
CA SER C 126 -20.48 -5.32 6.70
C SER C 126 -21.94 -5.03 6.57
N GLU C 127 -22.32 -4.45 5.48
CA GLU C 127 -23.71 -4.37 5.13
C GLU C 127 -23.90 -4.95 3.78
N TYR C 128 -24.80 -5.89 3.67
CA TYR C 128 -25.04 -6.52 2.42
C TYR C 128 -26.33 -6.12 1.86
N THR C 129 -26.37 -6.01 0.55
CA THR C 129 -27.60 -5.82 -0.17
C THR C 129 -27.68 -6.87 -1.24
N ILE C 130 -28.77 -7.61 -1.27
CA ILE C 130 -28.90 -8.68 -2.25
C ILE C 130 -30.05 -8.41 -3.18
N ILE C 131 -29.76 -8.39 -4.47
CA ILE C 131 -30.75 -8.09 -5.48
C ILE C 131 -30.91 -9.21 -6.46
N ALA C 132 -32.14 -9.66 -6.67
CA ALA C 132 -32.37 -10.74 -7.62
C ALA C 132 -33.15 -10.26 -8.83
N THR C 133 -32.76 -10.75 -9.99
CA THR C 133 -33.46 -10.47 -11.23
C THR C 133 -33.71 -11.74 -12.00
N SER C 134 -34.94 -11.95 -12.46
CA SER C 134 -35.25 -13.13 -13.22
C SER C 134 -35.26 -12.87 -14.71
N SER C 135 -35.11 -13.94 -15.47
CA SER C 135 -35.27 -13.90 -16.88
C SER C 135 -35.82 -15.21 -17.39
N GLN C 136 -36.48 -15.16 -18.52
CA GLN C 136 -37.09 -16.32 -19.11
C GLN C 136 -36.79 -16.41 -20.60
N PRO C 137 -35.61 -16.94 -20.98
CA PRO C 137 -35.11 -17.02 -22.34
C PRO C 137 -35.89 -18.03 -23.18
N ASN C 138 -36.67 -18.82 -22.50
CA ASN C 138 -37.49 -19.86 -23.07
C ASN C 138 -38.87 -19.37 -23.48
N GLU C 139 -39.78 -20.31 -23.74
CA GLU C 139 -41.12 -20.02 -24.22
C GLU C 139 -42.16 -19.84 -23.10
N ALA C 140 -41.70 -19.39 -21.94
CA ALA C 140 -42.58 -19.17 -20.80
C ALA C 140 -43.79 -18.35 -21.20
N LYS C 141 -44.95 -18.74 -20.69
CA LYS C 141 -46.18 -18.04 -21.00
C LYS C 141 -46.49 -16.92 -20.03
N PHE C 142 -45.73 -16.83 -18.96
CA PHE C 142 -45.94 -15.81 -17.95
C PHE C 142 -44.72 -15.61 -17.09
N SER C 143 -44.61 -14.42 -16.50
CA SER C 143 -43.55 -14.13 -15.55
C SER C 143 -43.87 -14.70 -14.19
N SER C 144 -42.86 -14.78 -13.33
CA SER C 144 -43.06 -15.27 -11.98
C SER C 144 -42.13 -14.57 -10.98
N ASN C 145 -42.72 -13.93 -9.98
CA ASN C 145 -41.93 -13.22 -8.98
C ASN C 145 -41.45 -14.17 -7.92
N LEU C 146 -40.44 -14.93 -8.28
CA LEU C 146 -39.95 -16.02 -7.47
C LEU C 146 -39.42 -15.55 -6.12
N THR C 147 -39.62 -16.35 -5.09
CA THR C 147 -39.05 -16.06 -3.80
C THR C 147 -37.67 -16.66 -3.71
N ILE C 148 -36.71 -15.84 -3.34
CA ILE C 148 -35.34 -16.25 -3.24
C ILE C 148 -34.91 -16.34 -1.80
N GLN C 149 -34.26 -17.43 -1.45
CA GLN C 149 -33.72 -17.59 -0.13
C GLN C 149 -32.24 -17.54 -0.14
N ALA C 150 -31.69 -16.78 0.78
CA ALA C 150 -30.26 -16.79 0.97
C ALA C 150 -30.00 -17.35 2.34
N MET C 151 -29.01 -18.20 2.46
CA MET C 151 -28.69 -18.76 3.75
C MET C 151 -27.24 -18.65 4.04
N PHE C 152 -26.91 -18.17 5.21
CA PHE C 152 -25.53 -18.05 5.56
C PHE C 152 -25.06 -19.31 6.21
N ILE C 153 -23.99 -19.85 5.71
CA ILE C 153 -23.44 -21.08 6.20
C ILE C 153 -22.03 -20.86 6.75
N PRO C 154 -21.88 -20.66 8.07
CA PRO C 154 -20.64 -20.47 8.74
C PRO C 154 -19.78 -21.69 8.50
N PRO C 155 -18.47 -21.59 8.62
CA PRO C 155 -17.58 -22.70 8.52
C PRO C 155 -18.01 -23.78 9.48
N GLY C 156 -18.05 -25.00 9.02
CA GLY C 156 -18.43 -26.12 9.86
C GLY C 156 -19.93 -26.42 9.81
N ALA C 157 -20.70 -25.50 9.28
CA ALA C 157 -22.14 -25.70 9.18
C ALA C 157 -22.41 -26.61 7.97
N PRO C 158 -23.52 -27.37 7.97
CA PRO C 158 -23.95 -28.22 6.88
C PRO C 158 -24.09 -27.48 5.57
N ASN C 159 -23.61 -28.11 4.52
CA ASN C 159 -23.73 -27.62 3.16
C ASN C 159 -24.84 -28.38 2.45
N PRO C 160 -25.91 -27.71 1.97
CA PRO C 160 -27.05 -28.34 1.36
C PRO C 160 -26.60 -29.21 0.21
N LYS C 161 -27.27 -30.34 0.04
CA LYS C 161 -26.96 -31.22 -1.09
C LYS C 161 -28.04 -31.10 -2.13
N LYS C 162 -29.24 -30.81 -1.68
CA LYS C 162 -30.38 -30.70 -2.54
C LYS C 162 -31.02 -29.34 -2.42
N TRP C 163 -31.69 -28.91 -3.48
CA TRP C 163 -32.35 -27.62 -3.45
C TRP C 163 -33.39 -27.58 -2.33
N ASP C 164 -33.93 -28.74 -1.98
CA ASP C 164 -34.95 -28.85 -0.95
C ASP C 164 -34.46 -29.64 0.27
N ASP C 165 -33.16 -29.61 0.52
CA ASP C 165 -32.58 -30.38 1.62
C ASP C 165 -33.02 -29.85 2.99
N TYR C 166 -32.80 -30.66 4.00
CA TYR C 166 -33.17 -30.31 5.37
C TYR C 166 -32.41 -29.11 5.89
N THR C 167 -31.27 -28.85 5.28
CA THR C 167 -30.39 -27.79 5.72
C THR C 167 -31.05 -26.44 5.58
N TRP C 168 -32.01 -26.34 4.68
CA TRP C 168 -32.62 -25.07 4.37
C TRP C 168 -33.57 -24.63 5.46
N GLN C 169 -33.81 -25.51 6.45
CA GLN C 169 -34.65 -25.18 7.59
C GLN C 169 -34.11 -23.99 8.31
N SER C 170 -32.80 -23.78 8.19
CA SER C 170 -32.16 -22.64 8.77
C SER C 170 -32.47 -22.51 10.24
N ALA C 171 -32.39 -23.62 10.97
CA ALA C 171 -32.70 -23.59 12.39
C ALA C 171 -31.79 -22.65 13.15
N THR C 172 -30.52 -22.61 12.77
CA THR C 172 -29.54 -21.76 13.44
C THR C 172 -28.85 -20.82 12.46
N ASN C 173 -28.90 -21.15 11.18
CA ASN C 173 -28.24 -20.36 10.17
C ASN C 173 -29.06 -19.12 9.89
N PRO C 174 -28.47 -17.92 9.86
CA PRO C 174 -29.13 -16.73 9.45
C PRO C 174 -29.66 -16.95 8.07
N SER C 175 -30.85 -16.45 7.79
CA SER C 175 -31.41 -16.62 6.46
C SER C 175 -32.22 -15.43 6.07
N VAL C 176 -32.32 -15.22 4.78
CA VAL C 176 -33.03 -14.10 4.23
C VAL C 176 -33.97 -14.50 3.13
N PHE C 177 -35.19 -14.03 3.20
CA PHE C 177 -36.16 -14.28 2.14
C PHE C 177 -36.59 -13.00 1.48
N PHE C 178 -36.54 -12.98 0.17
CA PHE C 178 -36.97 -11.82 -0.58
C PHE C 178 -37.45 -12.24 -1.94
N ASN C 179 -38.20 -11.39 -2.60
CA ASN C 179 -38.70 -11.74 -3.91
C ASN C 179 -37.85 -11.18 -5.02
N VAL C 180 -37.92 -11.80 -6.18
CA VAL C 180 -37.28 -11.23 -7.34
C VAL C 180 -37.88 -9.89 -7.62
N GLY C 181 -37.03 -8.90 -7.86
CA GLY C 181 -37.48 -7.54 -8.08
C GLY C 181 -37.37 -6.71 -6.81
N LYS C 182 -37.19 -7.39 -5.69
CA LYS C 182 -37.02 -6.77 -4.40
C LYS C 182 -35.61 -6.99 -3.96
N SER C 183 -35.26 -6.43 -2.84
CA SER C 183 -33.92 -6.61 -2.35
C SER C 183 -33.91 -6.85 -0.89
N ALA C 184 -32.86 -7.48 -0.42
CA ALA C 184 -32.67 -7.68 0.98
C ALA C 184 -31.52 -6.90 1.47
N ARG C 185 -31.59 -6.44 2.69
CA ARG C 185 -30.47 -5.75 3.29
C ARG C 185 -30.29 -6.12 4.73
N PHE C 186 -29.06 -6.36 5.12
CA PHE C 186 -28.75 -6.71 6.50
C PHE C 186 -27.32 -6.43 6.87
N SER C 187 -27.07 -6.29 8.16
CA SER C 187 -25.73 -6.06 8.64
C SER C 187 -25.09 -7.29 9.22
N VAL C 188 -23.80 -7.40 9.02
CA VAL C 188 -23.01 -8.47 9.57
C VAL C 188 -21.83 -7.88 10.33
N PRO C 189 -21.70 -8.11 11.62
CA PRO C 189 -20.67 -7.56 12.45
C PRO C 189 -19.34 -8.15 12.07
N TYR C 190 -18.29 -7.41 12.35
CA TYR C 190 -16.94 -7.91 12.13
C TYR C 190 -16.78 -9.35 12.64
N LEU C 191 -16.36 -10.26 11.75
CA LEU C 191 -16.31 -11.67 12.11
C LEU C 191 -14.93 -12.20 12.51
N GLY C 192 -13.96 -11.33 12.57
CA GLY C 192 -12.64 -11.75 13.02
C GLY C 192 -12.06 -12.86 12.16
N ILE C 193 -11.51 -13.93 12.77
CA ILE C 193 -11.42 -14.14 14.23
C ILE C 193 -10.39 -13.21 14.91
N ALA C 194 -9.50 -12.65 14.11
CA ALA C 194 -8.45 -11.75 14.59
C ALA C 194 -9.02 -10.38 14.87
N SER C 195 -8.16 -9.44 15.26
CA SER C 195 -8.63 -8.09 15.58
C SER C 195 -8.86 -7.25 14.34
N ALA C 196 -8.47 -7.76 13.18
CA ALA C 196 -8.68 -7.09 11.90
C ALA C 196 -8.63 -8.11 10.79
N TYR C 197 -9.26 -7.84 9.67
CA TYR C 197 -9.16 -8.76 8.56
C TYR C 197 -7.83 -8.57 7.90
N ASN C 198 -7.24 -9.65 7.49
CA ASN C 198 -6.00 -9.56 6.75
C ASN C 198 -6.27 -9.49 5.28
N CYS C 199 -5.66 -8.52 4.62
CA CYS C 199 -5.77 -8.45 3.18
C CYS C 199 -4.72 -9.33 2.54
N PHE C 200 -3.62 -9.50 3.25
CA PHE C 200 -2.49 -10.29 2.79
C PHE C 200 -2.03 -11.22 3.88
N TYR C 201 -1.46 -12.34 3.53
CA TYR C 201 -0.90 -13.21 4.54
C TYR C 201 0.37 -13.84 4.06
N ASP C 202 1.49 -13.41 4.61
CA ASP C 202 2.77 -13.94 4.17
C ASP C 202 3.10 -15.20 4.94
N GLY C 203 2.34 -16.24 4.68
CA GLY C 203 2.50 -17.46 5.43
C GLY C 203 1.60 -18.59 4.99
N TYR C 204 1.62 -19.64 5.80
CA TYR C 204 0.96 -20.90 5.54
C TYR C 204 0.01 -21.25 6.66
N SER C 205 -0.90 -22.19 6.40
CA SER C 205 -1.75 -22.68 7.48
C SER C 205 -0.95 -23.44 8.52
N HIS C 206 0.17 -24.02 8.10
CA HIS C 206 1.03 -24.77 8.98
C HIS C 206 2.40 -25.00 8.37
N ASP C 207 3.28 -25.59 9.15
CA ASP C 207 4.66 -25.79 8.76
C ASP C 207 4.87 -26.98 7.83
N ASN C 208 4.46 -26.86 6.59
CA ASN C 208 4.61 -27.96 5.64
C ASN C 208 4.88 -27.45 4.25
N SER C 209 5.89 -28.03 3.62
CA SER C 209 6.35 -27.62 2.30
C SER C 209 5.24 -27.43 1.27
N THR C 210 4.22 -28.27 1.32
CA THR C 210 3.17 -28.29 0.31
C THR C 210 1.92 -27.51 0.69
N THR C 211 1.93 -26.89 1.85
CA THR C 211 0.77 -26.12 2.31
C THR C 211 0.57 -24.88 1.42
N PRO C 212 -0.69 -24.55 1.04
CA PRO C 212 -1.06 -23.36 0.31
C PRO C 212 -0.56 -22.10 0.99
N TYR C 213 -0.13 -21.16 0.19
CA TYR C 213 0.42 -19.90 0.65
C TYR C 213 -0.48 -18.75 0.37
N GLY C 214 -0.63 -17.85 1.34
CA GLY C 214 -1.39 -16.62 1.11
C GLY C 214 -2.70 -16.52 1.86
N ILE C 215 -3.38 -15.39 1.69
CA ILE C 215 -4.60 -15.03 2.42
C ILE C 215 -5.71 -16.07 2.37
N ASN C 216 -5.69 -16.95 1.39
CA ASN C 216 -6.70 -17.98 1.30
C ASN C 216 -6.70 -18.86 2.54
N VAL C 217 -5.57 -18.89 3.22
CA VAL C 217 -5.39 -19.58 4.45
C VAL C 217 -6.31 -19.08 5.55
N LEU C 218 -6.53 -17.76 5.58
CA LEU C 218 -7.31 -17.14 6.64
C LEU C 218 -8.76 -16.89 6.25
N ASN C 219 -9.05 -16.91 4.96
CA ASN C 219 -10.40 -16.57 4.52
C ASN C 219 -11.42 -17.66 4.80
N HIS C 220 -11.89 -17.70 6.04
CA HIS C 220 -12.88 -18.67 6.46
C HIS C 220 -14.16 -17.97 6.92
N MET C 221 -14.74 -17.20 6.01
CA MET C 221 -15.97 -16.47 6.30
C MET C 221 -17.21 -17.31 6.01
N GLY C 222 -17.00 -18.53 5.60
CA GLY C 222 -18.11 -19.41 5.27
C GLY C 222 -18.63 -19.11 3.89
N SER C 223 -19.86 -19.51 3.65
CA SER C 223 -20.42 -19.38 2.33
C SER C 223 -21.87 -18.97 2.42
N MET C 224 -22.41 -18.47 1.33
CA MET C 224 -23.80 -18.09 1.31
C MET C 224 -24.52 -18.85 0.22
N ALA C 225 -25.55 -19.57 0.62
CA ALA C 225 -26.27 -20.41 -0.29
C ALA C 225 -27.49 -19.75 -0.80
N PHE C 226 -27.71 -19.83 -2.09
CA PHE C 226 -28.89 -19.25 -2.67
C PHE C 226 -29.81 -20.31 -3.22
N ARG C 227 -31.09 -20.07 -3.13
CA ARG C 227 -32.10 -20.99 -3.60
C ARG C 227 -33.35 -20.31 -4.10
N VAL C 228 -33.95 -20.86 -5.16
CA VAL C 228 -35.29 -20.45 -5.52
C VAL C 228 -36.24 -21.28 -4.70
N VAL C 229 -37.00 -20.64 -3.87
CA VAL C 229 -37.85 -21.33 -2.93
C VAL C 229 -39.01 -22.02 -3.61
N ASN C 230 -39.54 -21.38 -4.62
CA ASN C 230 -40.71 -21.85 -5.32
C ASN C 230 -40.50 -23.23 -5.94
N GLU C 231 -41.56 -24.00 -5.94
CA GLU C 231 -41.56 -25.29 -6.60
C GLU C 231 -41.45 -25.11 -8.09
N HIS C 232 -41.13 -26.20 -8.78
CA HIS C 232 -40.96 -26.13 -10.22
C HIS C 232 -42.22 -25.69 -10.95
N ASP C 233 -42.03 -24.71 -11.83
CA ASP C 233 -43.08 -24.17 -12.69
C ASP C 233 -43.16 -25.03 -13.95
N ASN C 234 -43.81 -24.55 -15.00
CA ASN C 234 -43.92 -25.32 -16.23
C ASN C 234 -42.86 -24.93 -17.25
N HIS C 235 -41.91 -24.14 -16.80
CA HIS C 235 -40.83 -23.68 -17.64
C HIS C 235 -39.63 -23.32 -16.78
N THR C 236 -38.47 -23.24 -17.39
CA THR C 236 -37.28 -22.85 -16.65
C THR C 236 -37.17 -21.35 -16.48
N THR C 237 -36.88 -20.92 -15.26
CA THR C 237 -36.65 -19.51 -15.00
C THR C 237 -35.25 -19.30 -14.47
N HIS C 238 -34.55 -18.33 -15.02
CA HIS C 238 -33.18 -18.06 -14.60
C HIS C 238 -33.12 -16.85 -13.74
N VAL C 239 -32.52 -16.98 -12.58
CA VAL C 239 -32.42 -15.87 -11.67
C VAL C 239 -30.98 -15.55 -11.35
N LYS C 240 -30.60 -14.31 -11.53
CA LYS C 240 -29.27 -13.92 -11.16
C LYS C 240 -29.35 -13.11 -9.92
N VAL C 241 -28.47 -13.39 -9.00
CA VAL C 241 -28.49 -12.69 -7.75
C VAL C 241 -27.22 -11.95 -7.57
N ARG C 242 -27.31 -10.67 -7.35
CA ARG C 242 -26.16 -9.83 -7.22
C ARG C 242 -26.00 -9.43 -5.79
N VAL C 243 -24.82 -9.61 -5.28
CA VAL C 243 -24.55 -9.27 -3.91
C VAL C 243 -23.67 -8.09 -3.83
N TYR C 244 -24.11 -7.09 -3.09
CA TYR C 244 -23.35 -5.87 -2.89
C TYR C 244 -22.90 -5.77 -1.48
N HIS C 245 -21.77 -5.15 -1.28
CA HIS C 245 -21.22 -5.00 0.05
C HIS C 245 -20.79 -3.61 0.33
N ARG C 246 -21.09 -3.15 1.53
CA ARG C 246 -20.67 -1.84 1.97
C ARG C 246 -20.07 -1.96 3.35
N ALA C 247 -18.93 -1.34 3.59
CA ALA C 247 -18.34 -1.45 4.90
C ALA C 247 -18.80 -0.31 5.79
N LYS C 248 -18.92 -0.59 7.08
CA LYS C 248 -19.29 0.42 8.05
C LYS C 248 -18.35 0.42 9.22
N HIS C 249 -18.11 1.59 9.80
CA HIS C 249 -17.28 1.68 10.99
C HIS C 249 -15.94 1.09 10.66
N ILE C 250 -15.32 1.69 9.67
CA ILE C 250 -14.16 1.15 9.05
C ILE C 250 -12.88 1.67 9.62
N ARG C 251 -12.01 0.76 9.97
CA ARG C 251 -10.70 1.12 10.45
C ARG C 251 -9.69 0.36 9.66
N ALA C 252 -8.56 0.94 9.38
CA ALA C 252 -7.56 0.22 8.65
C ALA C 252 -6.20 0.62 9.07
N TRP C 253 -5.28 -0.30 8.92
CA TRP C 253 -3.94 -0.08 9.35
C TRP C 253 -2.95 -0.44 8.29
N VAL C 254 -1.81 0.23 8.37
CA VAL C 254 -0.70 -0.02 7.48
C VAL C 254 -1.13 0.02 6.03
N PRO C 255 -1.12 1.22 5.45
CA PRO C 255 -1.49 1.44 4.11
C PRO C 255 -0.40 0.90 3.26
N ARG C 256 -0.74 0.55 2.07
CA ARG C 256 0.23 0.03 1.15
C ARG C 256 -0.03 0.43 -0.25
N ALA C 257 0.97 0.32 -1.07
CA ALA C 257 0.86 0.73 -2.43
C ALA C 257 -0.17 -0.13 -3.14
N PRO C 258 -1.03 0.47 -3.99
CA PRO C 258 -2.05 -0.19 -4.76
C PRO C 258 -1.43 -1.04 -5.83
N ARG C 259 -2.06 -2.16 -6.12
CA ARG C 259 -1.59 -3.04 -7.18
C ARG C 259 -1.63 -2.38 -8.52
N ALA C 260 -0.58 -2.59 -9.30
CA ALA C 260 -0.50 -2.02 -10.62
C ALA C 260 -0.92 -3.02 -11.70
N LEU C 261 -0.57 -4.28 -11.52
CA LEU C 261 -0.84 -5.29 -12.53
C LEU C 261 -2.21 -5.95 -12.38
N GLU C 262 -2.71 -6.47 -13.47
CA GLU C 262 -3.96 -7.22 -13.50
C GLU C 262 -3.93 -8.41 -12.56
N TYR C 263 -5.03 -8.64 -11.83
CA TYR C 263 -5.15 -9.78 -10.93
C TYR C 263 -5.42 -11.04 -11.71
N LEU C 264 -4.94 -12.17 -11.22
CA LEU C 264 -5.25 -13.41 -11.89
C LEU C 264 -6.28 -14.24 -11.13
N HIS C 265 -6.00 -14.50 -9.86
CA HIS C 265 -6.84 -15.40 -9.08
C HIS C 265 -7.08 -14.91 -7.67
N ILE C 266 -8.21 -15.30 -7.13
CA ILE C 266 -8.59 -14.89 -5.82
C ILE C 266 -7.66 -15.35 -4.73
N GLY C 267 -7.25 -14.40 -3.91
CA GLY C 267 -6.40 -14.63 -2.76
C GLY C 267 -4.91 -14.68 -3.09
N ARG C 268 -4.58 -14.53 -4.36
CA ARG C 268 -3.18 -14.59 -4.75
C ARG C 268 -2.72 -13.26 -5.28
N THR C 269 -1.42 -13.02 -5.16
CA THR C 269 -0.82 -11.80 -5.66
C THR C 269 -0.14 -12.04 -6.99
N ASN C 270 -0.37 -13.21 -7.53
CA ASN C 270 0.22 -13.63 -8.79
C ASN C 270 -0.11 -12.69 -9.90
N TYR C 271 0.76 -12.66 -10.88
CA TYR C 271 0.57 -11.87 -12.07
C TYR C 271 1.15 -12.58 -13.26
N LYS C 272 0.90 -12.05 -14.43
CA LYS C 272 1.32 -12.68 -15.65
C LYS C 272 2.82 -12.81 -15.71
N GLN C 273 3.29 -13.87 -16.34
CA GLN C 273 4.73 -14.09 -16.45
C GLN C 273 5.43 -13.00 -17.26
N SER C 274 4.69 -12.39 -18.17
CA SER C 274 5.21 -11.32 -19.01
C SER C 274 4.23 -10.14 -19.04
N PRO C 275 4.10 -9.40 -17.93
CA PRO C 275 3.08 -8.42 -17.69
C PRO C 275 3.29 -7.19 -18.52
N GLN C 276 2.22 -6.47 -18.77
CA GLN C 276 2.30 -5.19 -19.42
C GLN C 276 2.68 -4.11 -18.45
N ASN C 277 3.75 -3.40 -18.75
CA ASN C 277 4.22 -2.33 -17.89
C ASN C 277 3.12 -1.27 -17.78
N PRO C 278 2.61 -0.97 -16.55
CA PRO C 278 1.59 0.01 -16.24
C PRO C 278 1.95 1.40 -16.66
N ILE C 279 3.23 1.65 -16.84
CA ILE C 279 3.72 2.96 -17.16
C ILE C 279 3.75 3.18 -18.66
N LYS C 280 3.04 4.20 -19.13
CA LYS C 280 3.04 4.53 -20.53
C LYS C 280 4.33 5.20 -20.88
N THR C 281 4.77 5.03 -22.11
CA THR C 281 6.01 5.66 -22.51
C THR C 281 5.84 6.82 -23.47
N ARG C 282 6.92 7.57 -23.62
CA ARG C 282 7.00 8.71 -24.51
C ARG C 282 8.34 8.75 -25.24
N LYS C 283 8.41 9.56 -26.28
CA LYS C 283 9.62 9.60 -27.11
C LYS C 283 10.87 10.02 -26.34
N THR C 284 10.71 10.94 -25.42
CA THR C 284 11.81 11.45 -24.66
C THR C 284 11.41 12.02 -23.35
N ILE C 285 12.34 12.01 -22.42
CA ILE C 285 12.13 12.58 -21.11
C ILE C 285 11.82 14.05 -21.17
N SER C 286 12.20 14.68 -22.28
CA SER C 286 11.97 16.09 -22.51
C SER C 286 10.61 16.41 -23.19
N THR C 287 9.81 15.39 -23.52
CA THR C 287 8.53 15.65 -24.19
C THR C 287 7.45 16.05 -23.24
N TYR C 288 6.83 17.18 -23.53
CA TYR C 288 5.79 17.68 -22.67
C TYR C 288 4.49 16.95 -22.89
N GLY D 1 -52.87 2.84 13.20
CA GLY D 1 -52.06 2.88 11.99
C GLY D 1 -51.86 4.30 11.51
N LEU D 2 -50.65 4.80 11.69
CA LEU D 2 -50.30 6.15 11.26
C LEU D 2 -50.38 6.27 9.74
N PRO D 3 -51.15 7.22 9.18
CA PRO D 3 -51.18 7.50 7.78
C PRO D 3 -49.81 7.91 7.31
N THR D 4 -49.38 7.33 6.19
CA THR D 4 -48.09 7.69 5.62
C THR D 4 -48.19 7.86 4.13
N VAL D 5 -47.22 8.52 3.56
CA VAL D 5 -47.14 8.70 2.13
C VAL D 5 -45.80 8.28 1.60
N LEU D 6 -45.79 7.47 0.57
CA LEU D 6 -44.55 7.08 -0.06
C LEU D 6 -44.14 8.12 -1.05
N THR D 7 -42.84 8.27 -1.22
CA THR D 7 -42.33 9.25 -2.14
C THR D 7 -41.51 8.55 -3.22
N PRO D 8 -41.20 9.22 -4.33
CA PRO D 8 -40.33 8.73 -5.35
C PRO D 8 -39.05 8.32 -4.72
N GLY D 9 -38.51 7.22 -5.18
CA GLY D 9 -37.30 6.69 -4.61
C GLY D 9 -37.58 5.55 -3.65
N SER D 10 -38.84 5.36 -3.29
CA SER D 10 -39.14 4.25 -2.42
C SER D 10 -38.63 2.97 -3.03
N GLU D 11 -38.00 2.15 -2.20
CA GLU D 11 -37.42 0.87 -2.59
C GLU D 11 -36.30 0.95 -3.64
N GLN D 12 -35.70 2.11 -3.81
CA GLN D 12 -34.55 2.19 -4.71
C GLN D 12 -33.32 1.68 -4.02
N PHE D 13 -32.35 1.23 -4.80
CA PHE D 13 -31.06 0.90 -4.25
C PHE D 13 -30.02 1.92 -4.66
N LEU D 14 -29.55 2.66 -3.70
CA LEU D 14 -28.55 3.66 -3.93
C LEU D 14 -27.28 3.26 -3.22
N THR D 15 -26.23 3.06 -4.00
CA THR D 15 -24.98 2.53 -3.48
C THR D 15 -24.24 3.48 -2.57
N THR D 16 -24.61 4.74 -2.59
CA THR D 16 -23.96 5.72 -1.76
C THR D 16 -24.82 6.11 -0.56
N ASP D 17 -25.94 5.42 -0.36
CA ASP D 17 -26.81 5.76 0.75
C ASP D 17 -26.28 5.21 2.06
N ASP D 18 -26.83 5.68 3.14
CA ASP D 18 -26.52 5.19 4.47
C ASP D 18 -27.73 5.13 5.37
N ARG D 19 -28.12 3.93 5.68
CA ARG D 19 -29.29 3.67 6.48
C ARG D 19 -28.98 2.62 7.50
N GLN D 20 -29.80 2.51 8.52
CA GLN D 20 -29.66 1.44 9.47
C GLN D 20 -30.23 0.18 8.88
N SER D 21 -29.79 -0.95 9.36
CA SER D 21 -30.35 -2.21 8.89
C SER D 21 -30.25 -3.29 9.95
N PRO D 22 -31.16 -4.28 9.97
CA PRO D 22 -31.19 -5.36 10.89
C PRO D 22 -29.92 -6.14 10.84
N SER D 23 -29.48 -6.60 12.00
CA SER D 23 -28.31 -7.44 12.06
C SER D 23 -28.67 -8.85 11.78
N ALA D 24 -27.84 -9.52 11.02
CA ALA D 24 -28.05 -10.92 10.73
C ALA D 24 -27.53 -11.81 11.83
N MET D 25 -26.86 -11.23 12.83
CA MET D 25 -26.23 -12.03 13.87
C MET D 25 -26.40 -11.42 15.27
N PRO D 26 -27.62 -11.44 15.83
CA PRO D 26 -28.01 -10.77 17.04
C PRO D 26 -27.11 -11.14 18.19
N ASN D 27 -26.73 -10.13 18.98
CA ASN D 27 -25.92 -10.31 20.19
C ASN D 27 -24.50 -10.80 19.93
N TYR D 28 -24.05 -10.78 18.70
CA TYR D 28 -22.69 -11.14 18.40
C TYR D 28 -21.70 -10.19 19.07
N GLU D 29 -20.63 -10.75 19.64
CA GLU D 29 -19.57 -9.97 20.29
C GLU D 29 -18.23 -10.04 19.50
N PRO D 30 -17.86 -9.00 18.74
CA PRO D 30 -16.68 -8.91 17.90
C PRO D 30 -15.40 -9.09 18.68
N THR D 31 -14.37 -9.63 18.03
CA THR D 31 -13.07 -9.75 18.64
C THR D 31 -12.57 -8.38 19.06
N PRO D 32 -12.06 -8.23 20.29
CA PRO D 32 -11.48 -7.02 20.81
C PRO D 32 -10.41 -6.49 19.91
N LEU D 33 -10.35 -5.19 19.78
CA LEU D 33 -9.36 -4.56 18.96
C LEU D 33 -8.13 -4.26 19.77
N ILE D 34 -6.99 -4.65 19.25
CA ILE D 34 -5.73 -4.44 19.91
C ILE D 34 -5.00 -3.35 19.19
N HIS D 35 -3.98 -2.81 19.81
CA HIS D 35 -3.30 -1.75 19.14
C HIS D 35 -2.53 -2.27 17.94
N ILE D 36 -2.80 -1.70 16.79
CA ILE D 36 -2.11 -2.04 15.57
C ILE D 36 -1.48 -0.76 15.02
N PRO D 37 -0.17 -0.69 14.84
CA PRO D 37 0.55 0.43 14.30
C PRO D 37 0.09 0.79 12.91
N GLY D 38 0.16 2.07 12.57
CA GLY D 38 -0.11 2.51 11.21
C GLY D 38 -1.58 2.79 10.90
N GLU D 39 -2.37 3.10 11.89
CA GLU D 39 -3.79 3.38 11.64
C GLU D 39 -3.95 4.56 10.70
N VAL D 40 -4.87 4.43 9.75
CA VAL D 40 -5.16 5.48 8.77
C VAL D 40 -6.56 6.04 8.96
N LYS D 41 -6.68 7.37 8.97
CA LYS D 41 -8.00 7.99 9.11
C LYS D 41 -8.45 8.61 7.79
N ASN D 42 -7.50 9.19 7.05
CA ASN D 42 -7.81 9.91 5.81
C ASN D 42 -6.83 9.55 4.73
N LEU D 43 -7.31 9.48 3.51
CA LEU D 43 -6.42 9.20 2.41
C LEU D 43 -5.41 10.30 2.23
N LEU D 44 -5.76 11.50 2.64
CA LEU D 44 -4.88 12.63 2.52
C LEU D 44 -3.62 12.45 3.38
N GLU D 45 -3.69 11.59 4.40
CA GLU D 45 -2.52 11.31 5.22
C GLU D 45 -1.48 10.58 4.39
N ILE D 46 -1.97 9.74 3.48
CA ILE D 46 -1.16 8.91 2.63
C ILE D 46 -0.62 9.72 1.48
N ALA D 47 -1.46 10.59 0.95
CA ALA D 47 -1.13 11.43 -0.18
C ALA D 47 0.09 12.29 0.08
N GLN D 48 0.37 12.56 1.35
CA GLN D 48 1.50 13.41 1.73
C GLN D 48 2.81 12.65 1.84
N VAL D 49 2.81 11.35 1.54
CA VAL D 49 4.04 10.56 1.60
C VAL D 49 4.72 10.53 0.23
N ASP D 50 6.03 10.86 0.18
CA ASP D 50 6.73 10.86 -1.11
C ASP D 50 6.81 9.51 -1.78
N THR D 51 6.56 9.48 -3.08
CA THR D 51 6.81 8.28 -3.88
C THR D 51 7.56 8.64 -5.15
N LEU D 52 8.15 7.64 -5.79
CA LEU D 52 8.98 7.93 -6.96
C LEU D 52 8.18 8.22 -8.19
N ILE D 53 8.70 9.10 -9.00
CA ILE D 53 8.10 9.45 -10.27
C ILE D 53 8.82 8.73 -11.40
N PRO D 54 8.13 7.93 -12.23
CA PRO D 54 8.69 7.23 -13.35
C PRO D 54 8.86 8.20 -14.47
N LEU D 55 9.72 9.16 -14.24
CA LEU D 55 9.89 10.26 -15.13
C LEU D 55 10.54 9.90 -16.43
N ASN D 56 11.47 8.96 -16.38
CA ASN D 56 12.21 8.58 -17.56
C ASN D 56 11.50 7.46 -18.27
N ASN D 57 10.21 7.61 -18.43
CA ASN D 57 9.39 6.62 -19.08
C ASN D 57 9.49 6.75 -20.56
N THR D 58 10.67 6.59 -21.07
CA THR D 58 10.84 6.77 -22.47
C THR D 58 10.73 5.47 -23.16
N THR D 59 10.57 5.50 -24.45
CA THR D 59 10.51 4.28 -25.17
C THR D 59 11.80 3.55 -25.00
N ASN D 60 11.72 2.23 -24.89
CA ASN D 60 12.86 1.35 -24.70
C ASN D 60 13.55 1.50 -23.33
N THR D 61 12.95 2.26 -22.41
CA THR D 61 13.44 2.28 -21.04
C THR D 61 12.75 1.19 -20.27
N THR D 62 13.52 0.39 -19.56
CA THR D 62 12.96 -0.75 -18.87
C THR D 62 13.33 -0.79 -17.41
N GLY D 63 12.66 -1.66 -16.68
CA GLY D 63 12.96 -1.93 -15.30
C GLY D 63 12.87 -0.71 -14.44
N LEU D 64 13.90 -0.47 -13.67
CA LEU D 64 13.93 0.65 -12.78
C LEU D 64 14.48 1.88 -13.46
N GLY D 65 14.82 1.75 -14.74
CA GLY D 65 15.36 2.84 -15.50
C GLY D 65 14.41 4.01 -15.54
N MET D 66 13.12 3.73 -15.47
CA MET D 66 12.13 4.76 -15.55
C MET D 66 12.17 5.71 -14.38
N TYR D 67 12.76 5.28 -13.28
CA TYR D 67 12.80 6.11 -12.11
C TYR D 67 14.12 6.82 -11.97
N ARG D 68 14.95 6.76 -13.00
CA ARG D 68 16.25 7.39 -12.96
C ARG D 68 16.34 8.50 -13.96
N ILE D 69 16.63 9.70 -13.49
CA ILE D 69 16.75 10.82 -14.38
C ILE D 69 18.20 11.07 -14.65
N PRO D 70 18.69 10.89 -15.88
CA PRO D 70 20.06 11.02 -16.23
C PRO D 70 20.52 12.44 -16.23
N LEU D 71 21.73 12.66 -15.77
CA LEU D 71 22.39 13.93 -15.85
C LEU D 71 23.75 13.69 -16.43
N VAL D 72 24.21 14.58 -17.28
CA VAL D 72 25.49 14.31 -17.89
C VAL D 72 26.34 15.54 -18.13
N GLN D 73 27.32 15.27 -18.94
CA GLN D 73 28.57 15.91 -18.71
C GLN D 73 28.75 17.02 -19.71
N ASN D 74 29.04 18.21 -19.21
CA ASN D 74 29.23 19.41 -20.04
C ASN D 74 27.94 19.93 -20.67
N MET D 75 26.77 19.47 -20.22
CA MET D 75 25.55 20.07 -20.71
C MET D 75 25.29 21.35 -19.97
N GLN D 76 24.98 22.42 -20.70
CA GLN D 76 24.75 23.72 -20.09
C GLN D 76 23.58 24.42 -20.70
N GLY D 77 22.56 24.72 -19.91
CA GLY D 77 21.37 25.38 -20.41
C GLY D 77 20.44 24.38 -21.09
N GLU D 78 20.83 23.12 -21.07
CA GLU D 78 20.08 22.08 -21.71
C GLU D 78 18.98 21.62 -20.82
N GLN D 79 17.99 21.02 -21.43
CA GLN D 79 16.89 20.49 -20.65
C GLN D 79 17.27 19.12 -20.11
N VAL D 80 16.99 18.92 -18.85
CA VAL D 80 17.17 17.64 -18.20
C VAL D 80 15.94 16.81 -18.39
N PHE D 81 14.80 17.42 -18.11
CA PHE D 81 13.52 16.76 -18.29
C PHE D 81 12.42 17.75 -18.40
N GLY D 82 11.27 17.27 -18.81
CA GLY D 82 10.07 18.07 -18.73
C GLY D 82 8.85 17.27 -19.03
N PHE D 83 7.73 17.66 -18.45
CA PHE D 83 6.49 16.98 -18.71
C PHE D 83 5.30 17.85 -18.47
N ARG D 84 4.20 17.59 -19.16
CA ARG D 84 2.98 18.29 -18.85
C ARG D 84 2.44 17.76 -17.58
N LEU D 85 2.01 18.65 -16.72
CA LEU D 85 1.57 18.25 -15.41
C LEU D 85 0.12 17.81 -15.37
N TYR D 86 -0.07 16.52 -15.21
CA TYR D 86 -1.39 15.93 -15.05
C TYR D 86 -1.39 15.23 -13.74
N LEU D 87 -2.54 15.13 -13.12
CA LEU D 87 -2.56 14.42 -11.85
C LEU D 87 -2.89 12.96 -12.05
N GLY D 88 -3.93 12.68 -12.80
CA GLY D 88 -4.37 11.30 -13.03
C GLY D 88 -3.74 10.69 -14.28
N ASP D 89 -2.73 11.35 -14.84
CA ASP D 89 -2.14 10.86 -16.08
C ASP D 89 -0.69 11.33 -16.23
N GLY D 90 -0.14 11.18 -17.42
CA GLY D 90 1.23 11.56 -17.67
C GLY D 90 2.17 10.72 -16.85
N VAL D 91 3.30 11.31 -16.49
CA VAL D 91 4.32 10.59 -15.76
C VAL D 91 3.93 10.37 -14.33
N LEU D 92 2.85 10.99 -13.89
CA LEU D 92 2.44 10.86 -12.52
C LEU D 92 1.33 9.85 -12.36
N LYS D 93 0.91 9.27 -13.48
CA LYS D 93 -0.25 8.40 -13.48
C LYS D 93 -0.13 7.25 -12.52
N THR D 94 1.06 6.70 -12.40
CA THR D 94 1.26 5.51 -11.60
C THR D 94 1.87 5.78 -10.24
N THR D 95 2.00 7.04 -9.85
CA THR D 95 2.57 7.36 -8.56
C THR D 95 1.54 7.13 -7.50
N LEU D 96 1.93 7.13 -6.24
CA LEU D 96 0.94 6.94 -5.20
C LEU D 96 -0.06 8.03 -5.23
N LEU D 97 0.43 9.24 -5.29
CA LEU D 97 -0.46 10.37 -5.35
C LEU D 97 -1.38 10.22 -6.53
N GLY D 98 -0.80 9.88 -7.68
CA GLY D 98 -1.58 9.69 -8.88
C GLY D 98 -2.70 8.70 -8.68
N GLU D 99 -2.37 7.49 -8.23
CA GLU D 99 -3.37 6.46 -8.06
C GLU D 99 -4.43 6.87 -7.05
N LEU D 100 -4.04 7.56 -6.00
CA LEU D 100 -5.03 8.03 -5.06
C LEU D 100 -5.93 9.01 -5.73
N CYS D 101 -5.36 9.85 -6.54
CA CYS D 101 -6.12 10.89 -7.17
C CYS D 101 -6.96 10.38 -8.29
N GLN D 102 -6.63 9.22 -8.84
CA GLN D 102 -7.46 8.65 -9.87
C GLN D 102 -8.83 8.26 -9.34
N TYR D 103 -8.96 8.21 -8.02
CA TYR D 103 -10.23 7.90 -7.41
C TYR D 103 -11.04 9.15 -7.16
N PHE D 104 -10.55 10.31 -7.60
CA PHE D 104 -11.26 11.56 -7.39
C PHE D 104 -11.38 12.38 -8.66
N THR D 105 -12.54 13.01 -8.85
CA THR D 105 -12.78 13.81 -10.02
C THR D 105 -12.02 15.09 -10.00
N HIS D 106 -12.02 15.77 -8.85
CA HIS D 106 -11.42 17.08 -8.77
C HIS D 106 -10.29 17.12 -7.79
N TRP D 107 -9.35 18.01 -8.04
CA TRP D 107 -8.23 18.18 -7.14
C TRP D 107 -7.77 19.62 -7.11
N ALA D 108 -7.43 20.08 -5.92
CA ALA D 108 -6.92 21.40 -5.69
C ALA D 108 -5.82 21.37 -4.70
N GLY D 109 -5.04 22.40 -4.66
CA GLY D 109 -3.98 22.47 -3.68
C GLY D 109 -2.63 22.14 -4.26
N SER D 110 -1.61 22.66 -3.62
CA SER D 110 -0.25 22.57 -4.06
C SER D 110 0.33 21.15 -4.03
N LEU D 111 1.32 20.94 -4.91
CA LEU D 111 2.06 19.67 -5.00
C LEU D 111 3.51 19.86 -4.64
N ARG D 112 4.18 18.80 -4.24
CA ARG D 112 5.61 18.91 -4.01
C ARG D 112 6.37 17.97 -4.85
N LEU D 113 7.44 18.45 -5.40
CA LEU D 113 8.37 17.61 -6.07
C LEU D 113 9.65 17.64 -5.34
N SER D 114 10.36 16.56 -5.35
CA SER D 114 11.69 16.64 -4.83
C SER D 114 12.60 15.76 -5.58
N PHE D 115 13.86 16.11 -5.56
CA PHE D 115 14.81 15.35 -6.32
C PHE D 115 15.99 15.00 -5.50
N MET D 116 16.40 13.74 -5.57
CA MET D 116 17.56 13.24 -4.85
C MET D 116 18.70 13.00 -5.79
N TYR D 117 19.81 13.65 -5.56
CA TYR D 117 20.96 13.42 -6.41
C TYR D 117 21.72 12.22 -5.89
N THR D 118 21.97 11.24 -6.75
CA THR D 118 22.62 10.01 -6.33
C THR D 118 24.02 9.83 -6.90
N GLY D 119 24.56 10.89 -7.49
CA GLY D 119 25.87 10.80 -8.11
C GLY D 119 26.98 10.87 -7.07
N PRO D 120 28.26 10.79 -7.49
CA PRO D 120 29.44 10.71 -6.67
C PRO D 120 29.52 11.85 -5.72
N ALA D 121 30.00 11.60 -4.53
CA ALA D 121 30.15 12.65 -3.52
C ALA D 121 31.05 13.76 -4.00
N LEU D 122 32.00 13.42 -4.86
CA LEU D 122 32.93 14.40 -5.38
C LEU D 122 32.37 15.22 -6.54
N SER D 123 31.19 14.87 -7.01
CA SER D 123 30.59 15.58 -8.12
C SER D 123 29.82 16.79 -7.65
N SER D 124 29.50 17.67 -8.58
CA SER D 124 28.63 18.80 -8.27
C SER D 124 27.88 19.26 -9.48
N ALA D 125 26.78 19.97 -9.24
CA ALA D 125 25.99 20.53 -10.31
C ALA D 125 24.99 21.51 -9.77
N LYS D 126 24.48 22.36 -10.64
CA LYS D 126 23.37 23.20 -10.28
C LYS D 126 22.27 23.01 -11.27
N LEU D 127 21.09 22.70 -10.78
CA LEU D 127 19.96 22.50 -11.65
C LEU D 127 18.89 23.52 -11.41
N LEU D 128 18.21 23.88 -12.45
CA LEU D 128 17.05 24.73 -12.35
C LEU D 128 15.82 23.89 -12.43
N ILE D 129 14.97 23.97 -11.42
CA ILE D 129 13.72 23.26 -11.48
C ILE D 129 12.67 24.30 -11.68
N ALA D 130 11.80 24.13 -12.66
CA ALA D 130 10.86 25.19 -12.96
C ALA D 130 9.46 24.69 -13.22
N TYR D 131 8.50 25.52 -12.89
CA TYR D 131 7.11 25.26 -13.14
C TYR D 131 6.49 26.37 -13.96
N THR D 132 5.85 25.99 -15.04
CA THR D 132 5.21 26.92 -15.92
C THR D 132 3.70 26.80 -15.82
N PRO D 133 3.02 27.81 -15.28
CA PRO D 133 1.60 27.88 -15.11
C PRO D 133 0.92 27.74 -16.47
N PRO D 134 -0.36 27.39 -16.49
CA PRO D 134 -1.18 27.29 -17.65
C PRO D 134 -1.22 28.59 -18.42
N GLY D 135 -1.46 28.50 -19.71
CA GLY D 135 -1.54 29.70 -20.54
C GLY D 135 -0.28 29.88 -21.37
N ALA D 136 0.57 28.89 -21.35
CA ALA D 136 1.79 28.92 -22.11
C ALA D 136 2.20 27.54 -22.47
N GLN D 137 3.00 27.41 -23.51
CA GLN D 137 3.55 26.12 -23.92
C GLN D 137 5.01 26.04 -23.59
N GLY D 138 5.58 24.85 -23.67
CA GLY D 138 7.00 24.75 -23.41
C GLY D 138 7.20 24.63 -21.92
N PRO D 139 8.30 25.15 -21.41
CA PRO D 139 9.37 25.90 -22.04
C PRO D 139 10.23 25.07 -22.95
N THR D 140 10.82 25.70 -23.94
CA THR D 140 11.75 25.04 -24.82
C THR D 140 13.17 25.51 -24.57
N LYS D 141 13.31 26.66 -23.94
CA LYS D 141 14.61 27.21 -23.61
C LYS D 141 14.67 27.54 -22.14
N ARG D 142 15.86 27.47 -21.56
CA ARG D 142 16.00 27.85 -20.17
C ARG D 142 15.52 29.27 -19.92
N LYS D 143 15.71 30.13 -20.92
CA LYS D 143 15.32 31.53 -20.80
C LYS D 143 13.82 31.68 -20.60
N GLU D 144 13.07 30.68 -21.03
CA GLU D 144 11.64 30.70 -20.85
C GLU D 144 11.31 30.12 -19.50
N ALA D 145 12.00 29.05 -19.16
CA ALA D 145 11.75 28.34 -17.93
C ALA D 145 11.96 29.22 -16.72
N MET D 146 12.98 30.06 -16.78
CA MET D 146 13.33 30.94 -15.68
C MET D 146 12.27 31.99 -15.40
N LEU D 147 11.30 32.13 -16.29
CA LEU D 147 10.30 33.15 -16.11
C LEU D 147 9.13 32.64 -15.30
N GLY D 148 9.15 31.35 -14.99
CA GLY D 148 8.08 30.75 -14.20
C GLY D 148 8.50 30.63 -12.76
N THR D 149 7.88 29.71 -12.06
CA THR D 149 8.21 29.50 -10.67
C THR D 149 9.35 28.58 -10.63
N HIS D 150 10.42 28.95 -9.99
CA HIS D 150 11.56 28.10 -10.06
C HIS D 150 12.47 28.18 -8.88
N VAL D 151 13.32 27.18 -8.79
CA VAL D 151 14.33 27.11 -7.78
C VAL D 151 15.63 26.65 -8.36
N VAL D 152 16.72 27.22 -7.91
CA VAL D 152 18.01 26.73 -8.32
C VAL D 152 18.55 25.84 -7.24
N TRP D 153 18.90 24.64 -7.61
CA TRP D 153 19.32 23.62 -6.69
C TRP D 153 20.80 23.39 -6.68
N ASP D 154 21.42 23.72 -5.56
CA ASP D 154 22.85 23.55 -5.35
C ASP D 154 23.17 22.15 -4.91
N ILE D 155 23.49 21.28 -5.84
CA ILE D 155 23.71 19.90 -5.48
C ILE D 155 25.01 19.72 -4.77
N GLY D 156 24.95 19.89 -3.46
CA GLY D 156 26.11 19.86 -2.58
C GLY D 156 25.96 18.78 -1.51
N LEU D 157 26.12 19.19 -0.25
CA LEU D 157 26.07 18.27 0.88
C LEU D 157 24.73 17.60 1.02
N GLN D 158 23.66 18.38 1.01
CA GLN D 158 22.34 17.80 1.09
C GLN D 158 21.92 17.37 -0.29
N SER D 159 21.42 16.17 -0.38
CA SER D 159 21.10 15.55 -1.65
C SER D 159 19.76 15.92 -2.20
N THR D 160 18.89 16.47 -1.39
CA THR D 160 17.53 16.62 -1.84
C THR D 160 17.01 18.04 -1.87
N VAL D 161 16.34 18.38 -2.95
CA VAL D 161 15.70 19.67 -3.08
C VAL D 161 14.23 19.49 -3.15
N VAL D 162 13.49 20.37 -2.51
CA VAL D 162 12.05 20.32 -2.57
C VAL D 162 11.49 21.55 -3.25
N LEU D 163 10.67 21.34 -4.26
CA LEU D 163 9.99 22.43 -4.93
C LEU D 163 8.51 22.36 -4.67
N ASN D 164 7.98 23.38 -4.03
CA ASN D 164 6.57 23.42 -3.77
C ASN D 164 5.89 24.10 -4.92
N ILE D 165 5.03 23.39 -5.61
CA ILE D 165 4.34 23.95 -6.74
C ILE D 165 3.02 24.57 -6.29
N PRO D 166 2.89 25.90 -6.32
CA PRO D 166 1.80 26.65 -5.79
C PRO D 166 0.52 26.46 -6.59
N TRP D 167 -0.61 26.71 -5.95
CA TRP D 167 -1.89 26.57 -6.63
C TRP D 167 -2.16 27.74 -7.53
N THR D 168 -1.45 27.80 -8.63
CA THR D 168 -1.55 28.88 -9.57
C THR D 168 -2.75 28.70 -10.46
N SER D 169 -3.92 28.93 -9.91
CA SER D 169 -5.14 28.67 -10.65
C SER D 169 -6.18 29.72 -10.43
N GLY D 170 -6.90 30.04 -11.49
CA GLY D 170 -8.04 30.94 -11.39
C GLY D 170 -9.31 30.17 -11.14
N VAL D 171 -9.17 28.86 -11.02
CA VAL D 171 -10.27 27.97 -10.82
C VAL D 171 -10.05 27.29 -9.49
N GLN D 172 -11.08 27.19 -8.71
CA GLN D 172 -10.94 26.64 -7.38
C GLN D 172 -10.47 25.18 -7.40
N TYR D 173 -10.95 24.41 -8.37
CA TYR D 173 -10.52 23.01 -8.54
C TYR D 173 -10.20 22.68 -9.98
N ARG D 174 -9.26 21.76 -10.16
CA ARG D 174 -8.92 21.25 -11.47
C ARG D 174 -9.41 19.86 -11.59
N TYR D 175 -9.51 19.35 -12.80
CA TYR D 175 -9.87 17.97 -12.93
C TYR D 175 -8.65 17.10 -12.78
N THR D 176 -8.84 15.95 -12.16
CA THR D 176 -7.78 14.96 -12.08
C THR D 176 -7.45 14.44 -13.45
N ASP D 177 -8.50 14.12 -14.19
CA ASP D 177 -8.39 13.61 -15.53
C ASP D 177 -7.89 14.71 -16.44
N PRO D 178 -7.19 14.39 -17.53
CA PRO D 178 -6.72 15.34 -18.50
C PRO D 178 -7.85 16.21 -18.96
N ASP D 179 -7.57 17.49 -19.01
CA ASP D 179 -8.52 18.51 -19.37
C ASP D 179 -7.82 19.75 -19.82
N THR D 180 -8.14 20.22 -21.00
CA THR D 180 -7.50 21.41 -21.50
C THR D 180 -7.83 22.61 -20.63
N TYR D 181 -9.10 22.77 -20.31
CA TYR D 181 -9.54 23.94 -19.58
C TYR D 181 -8.85 24.08 -18.25
N THR D 182 -8.78 23.01 -17.47
CA THR D 182 -8.16 23.09 -16.16
C THR D 182 -6.73 22.53 -16.13
N SER D 183 -6.03 22.55 -17.27
CA SER D 183 -4.68 21.97 -17.27
C SER D 183 -3.80 22.68 -16.27
N ALA D 184 -2.81 21.96 -15.73
CA ALA D 184 -1.96 22.51 -14.67
C ALA D 184 -0.62 23.06 -15.13
N GLY D 185 -0.39 23.12 -16.42
CA GLY D 185 0.86 23.66 -16.88
C GLY D 185 1.94 22.59 -16.97
N PHE D 186 3.20 23.02 -16.90
CA PHE D 186 4.33 22.13 -17.17
C PHE D 186 5.39 22.18 -16.10
N VAL D 187 6.11 21.09 -15.98
CA VAL D 187 7.26 21.01 -15.09
C VAL D 187 8.50 20.71 -15.89
N SER D 188 9.58 21.42 -15.60
CA SER D 188 10.80 21.19 -16.34
C SER D 188 12.04 21.38 -15.51
N CYS D 189 13.15 20.86 -15.99
CA CYS D 189 14.43 21.01 -15.34
C CYS D 189 15.52 21.24 -16.30
N TRP D 190 16.37 22.20 -15.99
CA TRP D 190 17.44 22.64 -16.88
C TRP D 190 18.78 22.64 -16.17
N TYR D 191 19.86 22.51 -16.92
CA TYR D 191 21.17 22.61 -16.29
C TYR D 191 21.50 24.06 -16.03
N GLN D 192 21.54 24.46 -14.76
CA GLN D 192 21.81 25.86 -14.44
C GLN D 192 23.23 26.16 -14.79
N THR D 193 24.11 25.24 -14.42
CA THR D 193 25.52 25.35 -14.76
C THR D 193 25.82 24.13 -15.62
N SER D 194 26.36 23.10 -15.01
CA SER D 194 26.65 21.86 -15.70
C SER D 194 26.99 20.78 -14.72
N LEU D 195 26.96 19.55 -15.16
CA LEU D 195 27.47 18.47 -14.34
C LEU D 195 28.95 18.43 -14.41
N VAL D 196 29.57 18.46 -13.24
CA VAL D 196 31.00 18.38 -13.14
C VAL D 196 31.44 17.16 -12.36
N LEU D 197 32.22 16.33 -13.01
CA LEU D 197 32.75 15.13 -12.40
C LEU D 197 34.25 15.30 -12.24
N PRO D 198 34.92 14.53 -11.38
CA PRO D 198 36.34 14.57 -11.18
C PRO D 198 37.05 14.47 -12.52
N PRO D 199 38.27 14.99 -12.64
CA PRO D 199 39.06 14.99 -13.83
C PRO D 199 39.16 13.60 -14.39
N GLN D 200 39.06 13.50 -15.71
CA GLN D 200 39.13 12.25 -16.45
C GLN D 200 37.94 11.31 -16.19
N THR D 201 36.90 11.81 -15.51
CA THR D 201 35.72 11.00 -15.28
C THR D 201 34.64 11.28 -16.31
N GLN D 202 34.18 10.25 -16.96
CA GLN D 202 33.10 10.36 -17.93
C GLN D 202 32.04 9.32 -17.66
N GLN D 203 30.87 9.78 -17.23
CA GLN D 203 29.78 8.86 -16.91
C GLN D 203 28.48 9.58 -16.70
N THR D 204 27.40 8.86 -16.82
CA THR D 204 26.09 9.39 -16.50
C THR D 204 25.80 9.22 -15.04
N VAL D 205 25.25 10.24 -14.42
CA VAL D 205 24.86 10.13 -13.04
C VAL D 205 23.39 10.33 -13.00
N TYR D 206 22.75 9.97 -11.92
CA TYR D 206 21.31 10.04 -11.91
C TYR D 206 20.76 10.73 -10.71
N MET D 207 19.52 11.16 -10.83
CA MET D 207 18.78 11.63 -9.70
C MET D 207 17.40 11.00 -9.69
N LEU D 208 16.82 10.91 -8.53
CA LEU D 208 15.49 10.33 -8.41
C LEU D 208 14.47 11.39 -8.15
N GLY D 209 13.35 11.32 -8.84
CA GLY D 209 12.28 12.27 -8.60
C GLY D 209 11.24 11.70 -7.68
N PHE D 210 10.70 12.54 -6.82
CA PHE D 210 9.66 12.15 -5.89
C PHE D 210 8.48 13.08 -5.96
N ILE D 211 7.31 12.59 -5.59
CA ILE D 211 6.15 13.48 -5.50
C ILE D 211 5.29 13.20 -4.29
N SER D 212 4.77 14.27 -3.71
CA SER D 212 3.80 14.19 -2.62
C SER D 212 2.90 15.38 -2.60
N ALA D 213 1.80 15.22 -1.91
CA ALA D 213 0.87 16.30 -1.70
C ALA D 213 1.40 17.28 -0.68
N CYS D 214 1.03 18.54 -0.82
CA CYS D 214 1.25 19.52 0.22
C CYS D 214 0.13 19.42 1.24
N PRO D 215 0.32 19.87 2.47
CA PRO D 215 -0.68 19.98 3.51
C PRO D 215 -1.99 20.63 3.03
N ASP D 216 -1.91 21.51 2.02
CA ASP D 216 -3.10 22.20 1.50
C ASP D 216 -3.80 21.43 0.39
N PHE D 217 -3.32 20.23 0.10
CA PHE D 217 -3.87 19.42 -0.97
C PHE D 217 -5.30 19.00 -0.67
N LYS D 218 -6.16 19.11 -1.67
CA LYS D 218 -7.56 18.77 -1.53
C LYS D 218 -8.06 17.84 -2.64
N LEU D 219 -8.95 16.91 -2.27
CA LEU D 219 -9.63 16.05 -3.24
C LEU D 219 -11.12 16.15 -3.01
N ARG D 220 -11.90 16.28 -4.07
CA ARG D 220 -13.29 16.67 -3.86
C ARG D 220 -14.38 15.62 -4.10
N LEU D 221 -14.22 14.77 -5.09
CA LEU D 221 -15.33 13.87 -5.45
C LEU D 221 -14.91 12.51 -5.90
N MET D 222 -15.30 11.47 -5.16
CA MET D 222 -14.86 10.12 -5.51
C MET D 222 -15.46 9.53 -6.79
N LYS D 223 -14.63 8.77 -7.51
CA LYS D 223 -15.00 8.06 -8.73
C LYS D 223 -14.13 6.81 -8.91
N ASP D 224 -14.56 5.91 -9.79
CA ASP D 224 -13.75 4.74 -10.12
C ASP D 224 -12.50 5.12 -10.90
N THR D 225 -11.43 4.33 -10.71
CA THR D 225 -10.20 4.53 -11.46
C THR D 225 -10.30 3.89 -12.82
N GLN D 226 -9.37 4.24 -13.71
CA GLN D 226 -9.26 3.62 -15.01
C GLN D 226 -8.07 2.68 -15.06
N SER D 227 -7.42 2.52 -13.91
CA SER D 227 -6.18 1.77 -13.81
C SER D 227 -6.37 0.27 -13.56
N ILE D 228 -7.60 -0.19 -13.59
CA ILE D 228 -7.86 -1.62 -13.44
C ILE D 228 -9.03 -2.08 -14.28
N HIS D 229 -8.92 -3.29 -14.79
CA HIS D 229 -9.97 -3.90 -15.57
C HIS D 229 -10.15 -5.33 -15.17
N GLN D 230 -11.24 -5.93 -15.60
CA GLN D 230 -11.54 -7.30 -15.25
C GLN D 230 -12.34 -7.99 -16.31
N GLU D 231 -12.03 -9.24 -16.54
CA GLU D 231 -12.78 -10.06 -17.46
C GLU D 231 -13.65 -11.03 -16.67
#